data_1XXM
#
_entry.id   1XXM
#
_cell.length_a   45.706
_cell.length_b   124.473
_cell.length_c   156.951
_cell.angle_alpha   90.00
_cell.angle_beta   90.00
_cell.angle_gamma   90.00
#
_symmetry.space_group_name_H-M   'P 21 21 21'
#
loop_
_entity.id
_entity.type
_entity.pdbx_description
1 polymer 'Beta-lactamase TEM'
2 polymer 'Beta-lactamase inhibitory protein'
3 non-polymer 'CALCIUM ION'
4 water water
#
loop_
_entity_poly.entity_id
_entity_poly.type
_entity_poly.pdbx_seq_one_letter_code
_entity_poly.pdbx_strand_id
1 'polypeptide(L)'
;HPETLVKVKDAEDQLGARVGYIELDLNSGKILESFRPEERFPMMSTFKVLLCGAVLSRIDAGQEQLGRRIHYSQNDLVAA
SPVTEKHLTDGMTVRELCSAAITMSDNTAANLLLTTIGGPKELTAFLHNMGDHVTRLDRWEPELNEAIPNDERDTTMPAA
MATTLRKLLTGELLTLASRQQLIDWMEADKVAGPLLRSALPAGWFIADKSGAGERGSRGIIAALGPDGKPSRIVVIYTTG
SQATMDERNRQIAEIGASLIKHW
;
A,B
2 'polypeptide(L)'
;AGVMTGAKFTQIQFGMTRQQVLDIAGAENCETGGSFGDSIHCRGHAAGDYYAYATFGFTSAAADAKVDSKSQEALLAPSA
PTLTLAKFNQVTVGMTRAQVLATVGQGSCTTWSEYYPAYPSTAGVTLSLSCFDVDGYSSTGAARGSAHLWFTDGVLQGKR
QWDLV
;
C,D
#
loop_
_chem_comp.id
_chem_comp.type
_chem_comp.name
_chem_comp.formula
CA non-polymer 'CALCIUM ION' 'Ca 2'
#
# COMPACT_ATOMS: atom_id res chain seq x y z
N HIS A 1 11.26 65.18 7.96
CA HIS A 1 11.31 66.64 8.29
C HIS A 1 12.46 66.92 9.25
N PRO A 2 13.20 68.01 9.01
CA PRO A 2 14.34 68.39 9.86
C PRO A 2 14.05 68.48 11.36
N GLU A 3 12.83 68.88 11.72
CA GLU A 3 12.47 68.99 13.13
C GLU A 3 12.66 67.67 13.88
N THR A 4 12.41 66.55 13.20
CA THR A 4 12.56 65.26 13.82
C THR A 4 14.03 65.00 14.16
N LEU A 5 14.93 65.45 13.29
CA LEU A 5 16.37 65.29 13.53
C LEU A 5 16.80 66.15 14.72
N VAL A 6 16.18 67.32 14.87
CA VAL A 6 16.53 68.16 16.01
C VAL A 6 16.18 67.38 17.27
N LYS A 7 15.06 66.68 17.23
CA LYS A 7 14.62 65.89 18.37
C LYS A 7 15.55 64.71 18.62
N VAL A 8 16.00 64.05 17.55
CA VAL A 8 16.90 62.91 17.71
C VAL A 8 18.19 63.37 18.37
N LYS A 9 18.75 64.50 17.93
CA LYS A 9 19.98 65.00 18.55
C LYS A 9 19.71 65.37 19.99
N ASP A 10 18.51 65.90 20.25
CA ASP A 10 18.12 66.28 21.61
C ASP A 10 18.19 65.02 22.45
N ALA A 11 17.68 63.93 21.90
CA ALA A 11 17.68 62.65 22.60
C ALA A 11 19.09 62.22 22.98
N GLU A 12 20.04 62.37 22.07
CA GLU A 12 21.42 61.97 22.36
C GLU A 12 22.00 62.78 23.52
N ASP A 13 21.51 64.00 23.69
CA ASP A 13 21.98 64.86 24.77
C ASP A 13 21.28 64.45 26.06
N GLN A 14 19.97 64.27 25.97
CA GLN A 14 19.15 63.88 27.12
C GLN A 14 19.56 62.52 27.69
N LEU A 15 19.94 61.61 26.80
CA LEU A 15 20.34 60.27 27.21
C LEU A 15 21.85 60.11 27.38
N GLY A 16 22.60 61.03 26.78
CA GLY A 16 24.04 60.95 26.88
C GLY A 16 24.57 59.72 26.14
N ALA A 17 23.92 59.39 25.03
CA ALA A 17 24.32 58.23 24.24
C ALA A 17 23.84 58.42 22.80
N ARG A 18 24.40 57.64 21.89
CA ARG A 18 24.03 57.73 20.49
C ARG A 18 22.68 57.09 20.19
N VAL A 19 21.97 57.67 19.23
CA VAL A 19 20.67 57.17 18.81
C VAL A 19 20.73 56.90 17.31
N GLY A 20 20.22 55.74 16.91
CA GLY A 20 20.18 55.37 15.51
C GLY A 20 18.74 55.55 15.08
N TYR A 21 18.53 56.20 13.95
CA TYR A 21 17.18 56.48 13.49
C TYR A 21 17.00 56.36 11.99
N ILE A 22 15.87 55.82 11.59
CA ILE A 22 15.52 55.66 10.17
C ILE A 22 14.01 55.80 9.96
N GLU A 23 13.64 56.60 8.97
CA GLU A 23 12.23 56.73 8.59
C GLU A 23 12.29 56.36 7.12
N LEU A 24 11.63 55.25 6.78
CA LEU A 24 11.65 54.76 5.41
C LEU A 24 10.26 54.76 4.79
N ASP A 25 10.19 55.12 3.51
CA ASP A 25 8.91 55.10 2.81
C ASP A 25 8.65 53.62 2.51
N LEU A 26 7.51 53.11 2.93
CA LEU A 26 7.21 51.69 2.74
C LEU A 26 7.10 51.28 1.27
N ASN A 27 6.49 52.12 0.46
CA ASN A 27 6.32 51.81 -0.95
C ASN A 27 7.62 51.84 -1.77
N SER A 28 8.33 52.96 -1.70
CA SER A 28 9.56 53.12 -2.48
C SER A 28 10.83 52.56 -1.85
N GLY A 29 10.82 52.43 -0.52
CA GLY A 29 11.99 51.91 0.17
C GLY A 29 13.05 52.98 0.29
N LYS A 30 12.69 54.23 -0.02
CA LYS A 30 13.64 55.33 0.09
C LYS A 30 13.73 55.89 1.50
N ILE A 31 14.93 56.29 1.90
CA ILE A 31 15.15 56.85 3.22
C ILE A 31 14.64 58.29 3.25
N LEU A 32 13.68 58.56 4.14
CA LEU A 32 13.12 59.91 4.26
C LEU A 32 13.95 60.74 5.25
N GLU A 33 14.49 60.08 6.25
CA GLU A 33 15.33 60.72 7.26
C GLU A 33 16.20 59.62 7.89
N SER A 34 17.40 59.98 8.32
CA SER A 34 18.28 59.01 8.96
C SER A 34 19.28 59.71 9.87
N PHE A 35 19.79 58.96 10.83
CA PHE A 35 20.79 59.46 11.76
C PHE A 35 21.55 58.23 12.18
N ARG A 36 22.86 58.23 11.95
CA ARG A 36 23.71 57.10 12.27
C ARG A 36 23.10 55.83 11.66
N PRO A 37 22.70 55.90 10.39
CA PRO A 37 22.10 54.75 9.72
C PRO A 37 22.99 53.52 9.59
N GLU A 38 24.31 53.69 9.65
CA GLU A 38 25.20 52.54 9.51
C GLU A 38 26.09 52.26 10.72
N GLU A 39 25.59 52.58 11.90
CA GLU A 39 26.32 52.31 13.12
C GLU A 39 25.60 51.13 13.76
N ARG A 40 26.34 50.26 14.43
CA ARG A 40 25.74 49.08 15.03
C ARG A 40 25.11 49.26 16.40
N PHE A 41 23.95 48.64 16.57
CA PHE A 41 23.20 48.67 17.83
C PHE A 41 22.67 47.28 18.12
N PRO A 42 22.62 46.90 19.40
CA PRO A 42 22.10 45.58 19.79
C PRO A 42 20.63 45.53 19.40
N MET A 43 20.19 44.44 18.77
CA MET A 43 18.79 44.30 18.37
C MET A 43 17.85 44.08 19.55
N MET A 44 18.31 43.33 20.55
CA MET A 44 17.49 43.00 21.69
C MET A 44 16.27 42.24 21.14
N SER A 45 15.13 42.37 21.79
CA SER A 45 13.95 41.65 21.34
C SER A 45 13.45 42.00 19.95
N THR A 46 13.96 43.06 19.32
CA THR A 46 13.51 43.38 17.98
C THR A 46 13.89 42.28 16.98
N PHE A 47 14.85 41.43 17.33
CA PHE A 47 15.28 40.35 16.42
C PHE A 47 14.18 39.30 16.26
N LYS A 48 13.28 39.23 17.23
CA LYS A 48 12.20 38.25 17.19
C LYS A 48 11.28 38.39 15.97
N VAL A 49 11.26 39.56 15.35
CA VAL A 49 10.45 39.74 14.16
C VAL A 49 11.17 39.02 13.00
N LEU A 50 12.49 39.16 12.96
CA LEU A 50 13.28 38.51 11.90
C LEU A 50 13.21 37.00 12.12
N LEU A 51 13.20 36.60 13.38
CA LEU A 51 13.11 35.20 13.76
C LEU A 51 11.82 34.58 13.21
N CYS A 52 10.68 35.19 13.49
CA CYS A 52 9.41 34.63 13.01
C CYS A 52 9.28 34.77 11.50
N GLY A 53 10.06 35.67 10.92
CA GLY A 53 10.03 35.83 9.47
C GLY A 53 10.69 34.60 8.89
N ALA A 54 11.78 34.16 9.52
CA ALA A 54 12.50 32.97 9.08
C ALA A 54 11.63 31.73 9.29
N VAL A 55 10.82 31.74 10.35
CA VAL A 55 9.93 30.62 10.63
C VAL A 55 8.86 30.55 9.54
N LEU A 56 8.26 31.69 9.23
CA LEU A 56 7.23 31.75 8.19
C LEU A 56 7.78 31.31 6.84
N SER A 57 9.05 31.63 6.60
CA SER A 57 9.69 31.26 5.35
C SER A 57 9.75 29.73 5.20
N ARG A 58 10.09 29.06 6.30
CA ARG A 58 10.18 27.60 6.28
C ARG A 58 8.78 27.02 6.13
N ILE A 59 7.79 27.69 6.73
CA ILE A 59 6.41 27.24 6.64
C ILE A 59 5.96 27.37 5.18
N ASP A 60 6.39 28.45 4.53
CA ASP A 60 6.05 28.68 3.12
C ASP A 60 6.64 27.55 2.29
N ALA A 61 7.86 27.17 2.60
CA ALA A 61 8.57 26.11 1.90
C ALA A 61 8.05 24.74 2.34
N GLY A 62 7.00 24.74 3.16
CA GLY A 62 6.43 23.50 3.64
C GLY A 62 7.36 22.64 4.49
N GLN A 63 8.28 23.28 5.22
CA GLN A 63 9.21 22.53 6.07
C GLN A 63 8.85 22.72 7.54
N GLU A 64 7.79 23.49 7.78
CA GLU A 64 7.34 23.78 9.14
C GLU A 64 5.84 24.02 9.10
N GLN A 65 5.16 23.73 10.21
CA GLN A 65 3.72 23.92 10.29
C GLN A 65 3.37 24.84 11.46
N LEU A 66 2.48 25.79 11.23
CA LEU A 66 2.05 26.71 12.27
C LEU A 66 1.49 25.98 13.47
N GLY A 67 0.77 24.90 13.21
CA GLY A 67 0.16 24.14 14.29
C GLY A 67 0.98 23.03 14.91
N ARG A 68 2.25 22.92 14.51
CA ARG A 68 3.14 21.90 15.05
C ARG A 68 3.37 22.21 16.54
N ARG A 69 3.11 21.24 17.40
CA ARG A 69 3.29 21.45 18.84
C ARG A 69 4.69 21.12 19.32
N ILE A 70 5.27 22.05 20.08
CA ILE A 70 6.59 21.87 20.63
C ILE A 70 6.44 21.58 22.13
N HIS A 71 6.95 20.44 22.55
CA HIS A 71 6.89 20.02 23.95
C HIS A 71 8.24 20.27 24.61
N TYR A 72 8.36 21.40 25.29
CA TYR A 72 9.60 21.75 25.96
C TYR A 72 9.54 21.38 27.43
N SER A 73 10.63 21.61 28.15
CA SER A 73 10.68 21.27 29.56
C SER A 73 11.39 22.34 30.39
N GLN A 74 11.51 22.05 31.68
CA GLN A 74 12.17 22.95 32.62
C GLN A 74 13.51 23.45 32.12
N ASN A 75 14.31 22.56 31.54
CA ASN A 75 15.64 22.94 31.09
C ASN A 75 15.66 24.04 30.04
N ASP A 76 14.59 24.15 29.26
CA ASP A 76 14.50 25.14 28.20
C ASP A 76 14.09 26.54 28.70
N LEU A 77 13.57 26.61 29.92
CA LEU A 77 13.12 27.88 30.47
C LEU A 77 14.20 28.88 30.84
N VAL A 78 14.03 30.11 30.37
CA VAL A 78 14.95 31.19 30.68
C VAL A 78 14.11 32.32 31.27
N ALA A 79 14.77 33.30 31.88
CA ALA A 79 14.06 34.41 32.50
C ALA A 79 13.14 35.18 31.56
N ALA A 80 12.15 35.85 32.14
CA ALA A 80 11.18 36.66 31.39
C ALA A 80 10.42 35.87 30.33
N SER A 81 9.75 34.81 30.77
CA SER A 81 8.96 33.95 29.89
C SER A 81 7.59 33.67 30.52
N PRO A 82 6.73 34.70 30.59
CA PRO A 82 5.41 34.55 31.18
C PRO A 82 4.46 33.57 30.49
N VAL A 83 4.47 33.53 29.16
CA VAL A 83 3.58 32.64 28.44
C VAL A 83 4.05 31.20 28.40
N THR A 84 5.30 30.98 28.03
CA THR A 84 5.84 29.62 27.96
C THR A 84 5.87 28.96 29.33
N GLU A 85 6.09 29.76 30.37
CA GLU A 85 6.13 29.23 31.73
C GLU A 85 4.76 28.64 32.08
N LYS A 86 3.71 29.34 31.69
CA LYS A 86 2.33 28.93 31.95
C LYS A 86 1.93 27.66 31.20
N HIS A 87 2.38 27.51 29.97
CA HIS A 87 2.03 26.33 29.18
C HIS A 87 3.05 25.19 29.25
N LEU A 88 3.90 25.22 30.26
CA LEU A 88 4.93 24.18 30.38
C LEU A 88 4.41 22.74 30.36
N THR A 89 3.24 22.52 30.93
CA THR A 89 2.65 21.17 30.99
C THR A 89 2.16 20.61 29.66
N ASP A 90 1.53 21.46 28.85
CA ASP A 90 0.98 21.01 27.57
C ASP A 90 1.72 21.44 26.29
N GLY A 91 2.72 22.30 26.43
CA GLY A 91 3.47 22.75 25.27
C GLY A 91 2.76 23.89 24.54
N MET A 92 3.35 24.34 23.44
CA MET A 92 2.78 25.42 22.64
C MET A 92 3.07 25.16 21.16
N THR A 93 2.23 25.68 20.28
CA THR A 93 2.44 25.50 18.85
C THR A 93 3.38 26.58 18.32
N VAL A 94 3.95 26.33 17.15
CA VAL A 94 4.84 27.30 16.52
C VAL A 94 4.12 28.64 16.42
N ARG A 95 2.84 28.60 16.04
CA ARG A 95 2.03 29.82 15.94
C ARG A 95 1.96 30.56 17.28
N GLU A 96 1.61 29.83 18.33
CA GLU A 96 1.50 30.43 19.66
C GLU A 96 2.85 31.00 20.14
N LEU A 97 3.94 30.33 19.78
CA LEU A 97 5.27 30.78 20.18
C LEU A 97 5.65 32.11 19.51
N CYS A 98 5.35 32.26 18.22
CA CYS A 98 5.66 33.51 17.55
C CYS A 98 4.80 34.63 18.15
N SER A 99 3.56 34.32 18.47
CA SER A 99 2.68 35.32 19.07
C SER A 99 3.25 35.74 20.42
N ALA A 100 3.73 34.78 21.21
CA ALA A 100 4.28 35.10 22.53
C ALA A 100 5.57 35.92 22.39
N ALA A 101 6.46 35.46 21.53
CA ALA A 101 7.74 36.14 21.30
C ALA A 101 7.59 37.56 20.76
N ILE A 102 6.66 37.77 19.83
CA ILE A 102 6.48 39.10 19.26
C ILE A 102 5.57 40.01 20.10
N THR A 103 4.41 39.52 20.50
CA THR A 103 3.50 40.35 21.29
C THR A 103 3.85 40.47 22.76
N MET A 104 4.64 39.53 23.29
CA MET A 104 5.01 39.53 24.71
C MET A 104 6.51 39.48 25.03
N SER A 105 7.35 39.35 24.02
CA SER A 105 8.80 39.27 24.23
C SER A 105 9.17 38.10 25.14
N ASP A 106 8.42 37.01 25.04
CA ASP A 106 8.69 35.82 25.83
C ASP A 106 10.05 35.28 25.37
N ASN A 107 11.03 35.29 26.26
CA ASN A 107 12.39 34.84 25.92
C ASN A 107 12.51 33.35 25.60
N THR A 108 11.83 32.49 26.36
CA THR A 108 11.88 31.06 26.10
C THR A 108 11.22 30.75 24.77
N ALA A 109 10.16 31.47 24.45
CA ALA A 109 9.47 31.26 23.18
C ALA A 109 10.45 31.55 22.05
N ALA A 110 11.23 32.61 22.19
CA ALA A 110 12.20 32.99 21.17
C ALA A 110 13.29 31.91 21.02
N ASN A 111 13.76 31.37 22.14
CA ASN A 111 14.79 30.33 22.06
C ASN A 111 14.23 29.08 21.40
N LEU A 112 12.99 28.73 21.74
CA LEU A 112 12.36 27.54 21.16
C LEU A 112 12.21 27.74 19.66
N LEU A 113 11.84 28.97 19.27
CA LEU A 113 11.68 29.26 17.85
C LEU A 113 13.04 29.20 17.17
N LEU A 114 14.06 29.74 17.82
CA LEU A 114 15.40 29.70 17.25
C LEU A 114 15.78 28.26 16.97
N THR A 115 15.49 27.37 17.91
CA THR A 115 15.79 25.95 17.74
C THR A 115 15.09 25.39 16.50
N THR A 116 13.86 25.79 16.25
CA THR A 116 13.15 25.27 15.08
C THR A 116 13.79 25.69 13.76
N ILE A 117 14.53 26.81 13.77
CA ILE A 117 15.17 27.25 12.53
C ILE A 117 16.65 26.89 12.45
N GLY A 118 17.17 26.23 13.48
CA GLY A 118 18.57 25.85 13.44
C GLY A 118 19.51 26.71 14.26
N GLY A 119 18.97 27.68 14.99
CA GLY A 119 19.83 28.51 15.81
C GLY A 119 20.24 29.84 15.22
N PRO A 120 20.93 30.68 16.02
CA PRO A 120 21.41 32.01 15.60
C PRO A 120 22.16 31.99 14.27
N LYS A 121 23.02 31.00 14.08
CA LYS A 121 23.79 30.90 12.86
C LYS A 121 22.90 30.78 11.62
N GLU A 122 21.84 30.00 11.73
CA GLU A 122 20.93 29.81 10.61
C GLU A 122 20.07 31.06 10.39
N LEU A 123 19.78 31.80 11.46
CA LEU A 123 19.00 33.02 11.27
C LEU A 123 19.86 34.01 10.49
N THR A 124 21.14 34.11 10.87
CA THR A 124 22.04 35.03 10.19
C THR A 124 22.23 34.60 8.73
N ALA A 125 22.25 33.30 8.48
CA ALA A 125 22.42 32.79 7.13
C ALA A 125 21.18 33.19 6.33
N PHE A 126 20.02 33.08 6.96
CA PHE A 126 18.76 33.44 6.34
C PHE A 126 18.79 34.90 5.90
N LEU A 127 19.26 35.76 6.80
CA LEU A 127 19.32 37.20 6.52
C LEU A 127 20.33 37.51 5.41
N HIS A 128 21.52 36.95 5.53
CA HIS A 128 22.56 37.18 4.53
C HIS A 128 22.07 36.80 3.15
N ASN A 129 21.29 35.71 3.08
CA ASN A 129 20.77 35.24 1.80
C ASN A 129 19.62 36.06 1.25
N MET A 130 19.08 36.97 2.05
CA MET A 130 17.98 37.82 1.57
C MET A 130 18.51 39.21 1.21
N GLY A 131 19.82 39.39 1.32
CA GLY A 131 20.42 40.67 0.99
C GLY A 131 20.92 41.49 2.16
N ASP A 132 20.68 41.02 3.38
CA ASP A 132 21.14 41.76 4.56
C ASP A 132 22.47 41.15 5.01
N HIS A 133 23.57 41.78 4.62
CA HIS A 133 24.91 41.30 4.98
C HIS A 133 25.46 41.97 6.22
N VAL A 134 24.58 42.61 6.99
CA VAL A 134 25.03 43.30 8.20
C VAL A 134 24.43 42.75 9.49
N THR A 135 23.12 42.54 9.50
CA THR A 135 22.43 42.05 10.69
C THR A 135 22.91 40.65 11.08
N ARG A 136 23.17 40.44 12.36
CA ARG A 136 23.66 39.16 12.82
C ARG A 136 23.19 38.78 14.21
N LEU A 137 22.80 37.51 14.38
CA LEU A 137 22.41 37.01 15.68
C LEU A 137 23.48 35.96 15.97
N ASP A 138 24.06 36.02 17.16
CA ASP A 138 25.13 35.12 17.53
C ASP A 138 24.83 34.28 18.76
N ARG A 139 24.04 34.85 19.66
CA ARG A 139 23.71 34.15 20.90
C ARG A 139 22.21 33.99 21.11
N TRP A 140 21.85 33.24 22.15
CA TRP A 140 20.45 32.99 22.47
C TRP A 140 20.03 33.91 23.62
N GLU A 141 18.75 33.85 23.99
CA GLU A 141 18.27 34.66 25.10
C GLU A 141 18.82 33.96 26.34
N PRO A 142 19.26 34.71 27.36
CA PRO A 142 19.27 36.17 27.47
C PRO A 142 20.61 36.83 27.15
N GLU A 143 21.63 36.03 26.83
CA GLU A 143 22.95 36.58 26.55
C GLU A 143 23.06 37.57 25.39
N LEU A 144 22.18 37.43 24.40
CA LEU A 144 22.22 38.32 23.25
C LEU A 144 21.92 39.79 23.59
N ASN A 145 21.54 40.05 24.83
CA ASN A 145 21.24 41.42 25.27
C ASN A 145 22.39 42.08 26.01
N GLU A 146 23.55 41.41 26.07
CA GLU A 146 24.68 41.96 26.80
C GLU A 146 25.08 43.39 26.44
N ALA A 147 24.95 43.75 25.17
CA ALA A 147 25.28 45.10 24.72
C ALA A 147 26.67 45.59 25.11
N ILE A 148 27.68 44.73 24.99
CA ILE A 148 29.05 45.14 25.30
C ILE A 148 29.52 46.12 24.24
N PRO A 149 29.97 47.31 24.65
CA PRO A 149 30.46 48.33 23.72
C PRO A 149 31.42 47.80 22.65
N ASN A 150 31.14 48.14 21.40
CA ASN A 150 31.97 47.72 20.28
C ASN A 150 31.90 46.23 19.93
N ASP A 151 31.06 45.50 20.65
CA ASP A 151 30.88 44.08 20.38
C ASP A 151 29.82 44.07 19.28
N GLU A 152 30.12 43.44 18.16
CA GLU A 152 29.17 43.42 17.05
C GLU A 152 28.22 42.22 17.06
N ARG A 153 28.39 41.33 18.02
CA ARG A 153 27.51 40.16 18.12
C ARG A 153 26.09 40.65 18.38
N ASP A 154 25.12 39.99 17.74
CA ASP A 154 23.71 40.32 17.94
C ASP A 154 23.34 41.76 17.66
N THR A 155 23.93 42.35 16.63
CA THR A 155 23.65 43.73 16.28
C THR A 155 23.11 43.88 14.86
N THR A 156 22.65 45.10 14.58
CA THR A 156 22.15 45.45 13.26
C THR A 156 22.47 46.93 13.10
N MET A 157 22.20 47.46 11.92
CA MET A 157 22.40 48.88 11.64
C MET A 157 20.98 49.38 11.38
N PRO A 158 20.65 50.61 11.82
CA PRO A 158 19.31 51.12 11.57
C PRO A 158 18.83 50.95 10.13
N ALA A 159 19.70 51.29 9.18
CA ALA A 159 19.34 51.19 7.77
C ALA A 159 19.10 49.76 7.32
N ALA A 160 19.97 48.83 7.76
CA ALA A 160 19.83 47.43 7.39
C ALA A 160 18.53 46.84 7.94
N MET A 161 18.25 47.13 9.21
CA MET A 161 17.04 46.63 9.86
C MET A 161 15.78 47.15 9.16
N ALA A 162 15.79 48.43 8.80
CA ALA A 162 14.63 49.03 8.14
C ALA A 162 14.39 48.40 6.76
N THR A 163 15.46 48.21 6.00
CA THR A 163 15.32 47.61 4.67
C THR A 163 14.90 46.16 4.78
N THR A 164 15.43 45.47 5.79
CA THR A 164 15.09 44.07 5.97
C THR A 164 13.62 43.95 6.37
N LEU A 165 13.18 44.81 7.29
CA LEU A 165 11.79 44.75 7.71
C LEU A 165 10.88 44.98 6.50
N ARG A 166 11.28 45.89 5.62
CA ARG A 166 10.50 46.16 4.41
C ARG A 166 10.40 44.94 3.51
N LYS A 167 11.50 44.20 3.37
CA LYS A 167 11.52 43.00 2.54
C LYS A 167 10.60 41.92 3.11
N LEU A 168 10.55 41.84 4.44
CA LEU A 168 9.73 40.84 5.11
C LEU A 168 8.24 41.18 5.04
N LEU A 169 7.91 42.46 5.16
CA LEU A 169 6.50 42.88 5.15
C LEU A 169 5.91 43.17 3.77
N THR A 170 6.74 43.42 2.77
CA THR A 170 6.22 43.73 1.45
C THR A 170 6.92 43.04 0.28
N GLY A 171 8.09 42.46 0.55
CA GLY A 171 8.82 41.80 -0.51
C GLY A 171 8.14 40.52 -0.96
N GLU A 172 8.83 39.78 -1.84
CA GLU A 172 8.30 38.53 -2.35
C GLU A 172 8.94 37.36 -1.60
N LEU A 173 9.81 37.71 -0.66
CA LEU A 173 10.51 36.72 0.15
C LEU A 173 9.51 35.76 0.81
N LEU A 174 8.45 36.32 1.39
CA LEU A 174 7.42 35.53 2.06
C LEU A 174 6.11 35.61 1.27
N THR A 175 5.27 34.58 1.41
CA THR A 175 3.98 34.57 0.72
C THR A 175 3.13 35.68 1.32
N LEU A 176 2.11 36.10 0.58
CA LEU A 176 1.23 37.17 1.04
C LEU A 176 0.63 36.82 2.40
N ALA A 177 0.18 35.57 2.54
CA ALA A 177 -0.41 35.10 3.78
C ALA A 177 0.59 35.28 4.93
N SER A 178 1.84 34.89 4.69
CA SER A 178 2.86 35.02 5.72
C SER A 178 3.20 36.47 6.05
N ARG A 179 3.22 37.34 5.05
CA ARG A 179 3.52 38.74 5.29
C ARG A 179 2.43 39.30 6.18
N GLN A 180 1.20 38.90 5.90
CA GLN A 180 0.05 39.36 6.67
C GLN A 180 0.12 38.83 8.10
N GLN A 181 0.56 37.58 8.25
CA GLN A 181 0.68 36.98 9.58
C GLN A 181 1.73 37.70 10.42
N LEU A 182 2.87 37.99 9.81
CA LEU A 182 3.95 38.67 10.54
C LEU A 182 3.53 40.06 10.97
N ILE A 183 2.94 40.83 10.05
CA ILE A 183 2.51 42.16 10.41
C ILE A 183 1.36 42.09 11.41
N ASP A 184 0.55 41.04 11.34
CA ASP A 184 -0.56 40.92 12.29
C ASP A 184 -0.05 40.71 13.72
N TRP A 185 1.02 39.91 13.88
CA TRP A 185 1.58 39.69 15.21
C TRP A 185 2.13 41.00 15.74
N MET A 186 2.77 41.77 14.86
CA MET A 186 3.35 43.05 15.25
C MET A 186 2.26 44.07 15.61
N GLU A 187 1.15 44.04 14.89
CA GLU A 187 0.06 44.97 15.17
C GLU A 187 -0.54 44.64 16.53
N ALA A 188 -0.50 43.36 16.91
CA ALA A 188 -1.04 42.92 18.19
C ALA A 188 -0.05 43.11 19.34
N ASP A 189 1.06 43.77 19.06
CA ASP A 189 2.10 44.01 20.08
C ASP A 189 1.42 44.52 21.35
N LYS A 190 1.68 43.86 22.47
CA LYS A 190 1.07 44.23 23.75
C LYS A 190 2.03 44.91 24.72
N VAL A 191 3.33 44.83 24.46
CA VAL A 191 4.30 45.40 25.39
C VAL A 191 5.13 46.60 24.93
N ALA A 192 4.60 47.41 24.03
CA ALA A 192 5.33 48.60 23.55
C ALA A 192 4.51 49.88 23.72
N GLY A 193 3.55 49.85 24.63
CA GLY A 193 2.70 51.00 24.87
C GLY A 193 3.39 52.33 25.12
N PRO A 194 4.44 52.39 25.96
CA PRO A 194 5.15 53.63 26.27
C PRO A 194 6.05 54.21 25.17
N LEU A 195 6.06 53.58 23.99
CA LEU A 195 6.90 54.07 22.91
C LEU A 195 6.12 54.80 21.83
N LEU A 196 6.27 54.39 20.57
CA LEU A 196 5.57 55.05 19.47
C LEU A 196 4.06 55.04 19.61
N ARG A 197 3.51 53.93 20.09
CA ARG A 197 2.07 53.80 20.27
C ARG A 197 1.48 54.92 21.11
N SER A 198 2.26 55.41 22.07
CA SER A 198 1.82 56.48 22.97
C SER A 198 1.66 57.83 22.26
N ALA A 199 2.08 57.91 21.01
CA ALA A 199 1.97 59.16 20.26
C ALA A 199 1.14 58.94 19.00
N LEU A 200 0.66 57.71 18.84
CA LEU A 200 -0.14 57.36 17.67
C LEU A 200 -1.53 57.98 17.71
N PRO A 201 -1.88 58.76 16.67
CA PRO A 201 -3.19 59.41 16.58
C PRO A 201 -4.31 58.39 16.34
N ALA A 202 -5.53 58.76 16.72
CA ALA A 202 -6.67 57.88 16.55
C ALA A 202 -6.85 57.49 15.09
N GLY A 203 -7.14 56.22 14.85
CA GLY A 203 -7.35 55.76 13.49
C GLY A 203 -6.10 55.31 12.74
N TRP A 204 -4.93 55.66 13.28
CA TRP A 204 -3.68 55.26 12.64
C TRP A 204 -3.39 53.78 12.87
N PHE A 205 -2.54 53.24 12.01
CA PHE A 205 -2.15 51.84 12.08
C PHE A 205 -0.70 51.80 12.56
N ILE A 206 -0.37 50.79 13.36
CA ILE A 206 1.01 50.60 13.80
C ILE A 206 1.21 49.14 14.16
N ALA A 207 2.30 48.59 13.64
CA ALA A 207 2.69 47.21 13.89
C ALA A 207 4.13 47.41 14.31
N ASP A 208 4.47 46.98 15.52
CA ASP A 208 5.82 47.18 16.01
C ASP A 208 6.37 46.07 16.88
N LYS A 209 7.61 46.26 17.31
CA LYS A 209 8.31 45.34 18.18
C LYS A 209 9.42 46.12 18.87
N SER A 210 9.36 46.16 20.20
CA SER A 210 10.35 46.89 20.98
C SER A 210 11.37 45.96 21.61
N GLY A 211 12.39 46.57 22.21
CA GLY A 211 13.43 45.78 22.85
C GLY A 211 14.17 46.60 23.89
N ALA A 212 14.62 45.92 24.94
CA ALA A 212 15.38 46.55 26.01
C ALA A 212 16.51 45.61 26.37
N GLY A 213 17.69 46.15 26.67
CA GLY A 213 18.80 45.30 27.01
C GLY A 213 19.68 45.90 28.07
N GLU A 214 20.88 45.37 28.23
CA GLU A 214 21.81 45.87 29.23
C GLU A 214 22.41 47.19 28.77
N ARG A 215 23.12 47.85 29.67
CA ARG A 215 23.78 49.12 29.37
C ARG A 215 22.91 50.17 28.68
N GLY A 216 21.67 50.29 29.13
CA GLY A 216 20.76 51.28 28.57
C GLY A 216 20.25 51.04 27.16
N SER A 217 20.56 49.89 26.57
CA SER A 217 20.08 49.60 25.23
C SER A 217 18.55 49.60 25.19
N ARG A 218 18.00 50.24 24.16
CA ARG A 218 16.55 50.33 23.99
C ARG A 218 16.28 50.55 22.50
N GLY A 219 15.15 50.05 22.01
CA GLY A 219 14.85 50.23 20.60
C GLY A 219 13.48 49.76 20.17
N ILE A 220 13.12 50.10 18.94
CA ILE A 220 11.84 49.69 18.40
C ILE A 220 11.83 49.75 16.87
N ILE A 221 11.13 48.82 16.24
CA ILE A 221 11.00 48.82 14.80
C ILE A 221 9.50 48.83 14.56
N ALA A 222 9.06 49.51 13.50
CA ALA A 222 7.64 49.58 13.27
C ALA A 222 7.24 50.02 11.87
N ALA A 223 6.00 49.68 11.53
CA ALA A 223 5.40 50.06 10.26
C ALA A 223 4.14 50.75 10.74
N LEU A 224 3.99 52.02 10.37
CA LEU A 224 2.81 52.79 10.79
C LEU A 224 2.31 53.69 9.66
N GLY A 225 1.17 54.31 9.90
CA GLY A 225 0.60 55.19 8.89
C GLY A 225 -0.79 55.62 9.30
N PRO A 226 -1.30 56.71 8.71
CA PRO A 226 -2.63 57.19 9.05
C PRO A 226 -3.75 56.38 8.40
N ASP A 227 -4.96 56.58 8.89
CA ASP A 227 -6.15 55.92 8.33
C ASP A 227 -6.03 54.41 8.20
N GLY A 228 -5.67 53.75 9.31
CA GLY A 228 -5.55 52.31 9.35
C GLY A 228 -4.67 51.59 8.34
N LYS A 229 -3.66 52.26 7.80
CA LYS A 229 -2.77 51.63 6.83
C LYS A 229 -1.33 52.06 7.02
N PRO A 230 -0.40 51.10 7.06
CA PRO A 230 1.02 51.46 7.24
C PRO A 230 1.58 52.00 5.92
N SER A 231 2.35 53.08 6.00
CA SER A 231 2.96 53.66 4.80
C SER A 231 4.44 53.97 4.99
N ARG A 232 4.93 53.85 6.22
CA ARG A 232 6.33 54.11 6.51
C ARG A 232 6.89 53.18 7.57
N ILE A 233 8.19 52.94 7.50
CA ILE A 233 8.86 52.11 8.48
C ILE A 233 9.74 53.02 9.33
N VAL A 234 9.70 52.79 10.63
CA VAL A 234 10.52 53.58 11.52
C VAL A 234 11.38 52.64 12.36
N VAL A 235 12.64 53.00 12.52
CA VAL A 235 13.56 52.21 13.31
C VAL A 235 14.33 53.16 14.23
N ILE A 236 14.32 52.86 15.53
CA ILE A 236 15.03 53.69 16.49
C ILE A 236 15.78 52.78 17.46
N TYR A 237 17.08 53.04 17.62
CA TYR A 237 17.92 52.27 18.53
C TYR A 237 18.82 53.18 19.33
N THR A 238 19.19 52.75 20.53
CA THR A 238 20.11 53.50 21.37
C THR A 238 20.77 52.51 22.30
N THR A 239 22.00 52.80 22.71
CA THR A 239 22.70 51.92 23.64
C THR A 239 23.80 52.72 24.32
N GLY A 240 24.10 52.37 25.56
CA GLY A 240 25.14 53.06 26.30
C GLY A 240 24.65 54.07 27.32
N SER A 241 23.40 54.51 27.20
CA SER A 241 22.84 55.49 28.12
C SER A 241 22.69 54.97 29.56
N GLN A 242 22.73 55.90 30.51
CA GLN A 242 22.58 55.56 31.91
C GLN A 242 21.28 56.14 32.45
N ALA A 243 20.49 56.74 31.55
CA ALA A 243 19.23 57.33 31.94
C ALA A 243 18.29 56.22 32.42
N THR A 244 17.16 56.63 33.00
CA THR A 244 16.18 55.67 33.50
C THR A 244 15.38 55.13 32.32
N MET A 245 14.74 53.98 32.52
CA MET A 245 13.93 53.37 31.48
C MET A 245 12.85 54.35 31.00
N ASP A 246 12.21 55.01 31.94
CA ASP A 246 11.16 55.97 31.61
C ASP A 246 11.71 57.10 30.75
N GLU A 247 12.92 57.56 31.08
CA GLU A 247 13.55 58.63 30.33
C GLU A 247 13.83 58.15 28.91
N ARG A 248 14.23 56.89 28.79
CA ARG A 248 14.51 56.31 27.48
C ARG A 248 13.21 56.12 26.70
N ASN A 249 12.15 55.71 27.39
CA ASN A 249 10.86 55.53 26.71
C ASN A 249 10.39 56.88 26.21
N ARG A 250 10.55 57.90 27.06
CA ARG A 250 10.15 59.26 26.75
C ARG A 250 10.81 59.78 25.49
N GLN A 251 12.13 59.63 25.43
CA GLN A 251 12.90 60.10 24.27
C GLN A 251 12.42 59.45 22.98
N ILE A 252 12.15 58.14 23.04
CA ILE A 252 11.68 57.44 21.86
C ILE A 252 10.27 57.92 21.53
N ALA A 253 9.45 58.10 22.57
CA ALA A 253 8.08 58.57 22.38
C ALA A 253 8.06 59.96 21.75
N GLU A 254 8.98 60.83 22.17
CA GLU A 254 9.05 62.19 21.63
C GLU A 254 9.50 62.22 20.16
N ILE A 255 10.40 61.32 19.80
CA ILE A 255 10.87 61.23 18.43
C ILE A 255 9.68 60.82 17.55
N GLY A 256 8.85 59.92 18.08
CA GLY A 256 7.68 59.48 17.34
C GLY A 256 6.66 60.58 17.19
N ALA A 257 6.46 61.37 18.26
CA ALA A 257 5.51 62.47 18.23
C ALA A 257 5.95 63.48 17.17
N SER A 258 7.25 63.63 17.03
CA SER A 258 7.82 64.55 16.06
C SER A 258 7.61 64.06 14.63
N LEU A 259 7.95 62.81 14.34
CA LEU A 259 7.78 62.29 12.99
C LEU A 259 6.31 62.22 12.59
N ILE A 260 5.42 62.06 13.56
CA ILE A 260 3.99 62.02 13.27
C ILE A 260 3.52 63.46 13.02
N LYS A 261 3.94 64.36 13.89
CA LYS A 261 3.58 65.78 13.77
C LYS A 261 3.90 66.29 12.35
N HIS A 262 5.07 65.93 11.85
CA HIS A 262 5.50 66.38 10.53
C HIS A 262 5.35 65.32 9.44
N TRP A 263 4.33 64.48 9.58
CA TRP A 263 4.08 63.43 8.59
C TRP A 263 3.65 64.04 7.27
N ALA B 1 -4.44 49.44 45.12
CA ALA B 1 -3.50 48.90 46.09
C ALA B 1 -2.11 48.79 45.47
N GLY B 2 -1.90 49.54 44.39
CA GLY B 2 -0.61 49.50 43.70
C GLY B 2 -0.55 48.34 42.73
N VAL B 3 0.61 48.13 42.11
CA VAL B 3 0.78 47.03 41.17
C VAL B 3 0.99 45.73 41.94
N MET B 4 1.25 44.64 41.22
CA MET B 4 1.47 43.35 41.89
C MET B 4 2.80 43.42 42.65
N THR B 5 2.83 42.82 43.83
CA THR B 5 4.03 42.85 44.65
C THR B 5 4.36 41.49 45.27
N GLY B 6 5.55 41.40 45.85
CA GLY B 6 5.98 40.16 46.48
C GLY B 6 5.11 39.84 47.69
N ALA B 7 4.74 40.88 48.43
CA ALA B 7 3.90 40.69 49.62
C ALA B 7 2.53 40.14 49.24
N LYS B 8 2.00 40.60 48.11
CA LYS B 8 0.70 40.13 47.64
C LYS B 8 0.82 38.67 47.21
N PHE B 9 1.91 38.36 46.51
CA PHE B 9 2.19 37.00 46.05
C PHE B 9 2.23 36.06 47.23
N THR B 10 2.89 36.48 48.30
CA THR B 10 3.01 35.66 49.50
C THR B 10 1.69 35.50 50.24
N GLN B 11 0.89 36.57 50.27
CA GLN B 11 -0.40 36.51 50.96
C GLN B 11 -1.37 35.55 50.26
N ILE B 12 -1.28 35.47 48.94
CA ILE B 12 -2.14 34.56 48.18
C ILE B 12 -1.75 33.14 48.54
N GLN B 13 -2.75 32.30 48.80
CA GLN B 13 -2.52 30.91 49.20
C GLN B 13 -3.09 29.89 48.24
N PHE B 14 -2.47 28.72 48.18
CA PHE B 14 -3.01 27.66 47.34
C PHE B 14 -4.38 27.38 47.95
N GLY B 15 -5.35 27.05 47.10
CA GLY B 15 -6.69 26.78 47.59
C GLY B 15 -7.63 27.98 47.49
N MET B 16 -7.07 29.16 47.26
CA MET B 16 -7.87 30.38 47.15
C MET B 16 -8.70 30.45 45.88
N THR B 17 -9.75 31.27 45.92
CA THR B 17 -10.63 31.47 44.78
C THR B 17 -10.09 32.55 43.86
N ARG B 18 -10.67 32.64 42.66
CA ARG B 18 -10.25 33.66 41.71
C ARG B 18 -10.50 35.04 42.32
N GLN B 19 -11.66 35.20 42.97
CA GLN B 19 -12.01 36.47 43.57
C GLN B 19 -11.06 36.88 44.70
N GLN B 20 -10.58 35.90 45.46
CA GLN B 20 -9.66 36.16 46.55
C GLN B 20 -8.32 36.62 46.00
N VAL B 21 -7.92 36.01 44.89
CA VAL B 21 -6.66 36.38 44.23
C VAL B 21 -6.77 37.80 43.72
N LEU B 22 -7.84 38.06 42.96
CA LEU B 22 -8.05 39.39 42.40
C LEU B 22 -8.09 40.48 43.45
N ASP B 23 -8.83 40.25 44.54
CA ASP B 23 -8.93 41.25 45.60
C ASP B 23 -7.58 41.52 46.27
N ILE B 24 -6.75 40.48 46.38
CA ILE B 24 -5.44 40.66 47.00
C ILE B 24 -4.44 41.32 46.04
N ALA B 25 -4.39 40.84 44.81
CA ALA B 25 -3.47 41.37 43.82
C ALA B 25 -3.86 42.75 43.27
N GLY B 26 -5.16 43.03 43.25
CA GLY B 26 -5.64 44.28 42.71
C GLY B 26 -6.07 43.98 41.28
N ALA B 27 -7.39 43.94 41.05
CA ALA B 27 -7.93 43.61 39.73
C ALA B 27 -7.28 44.33 38.56
N GLU B 28 -6.95 45.61 38.73
CA GLU B 28 -6.34 46.41 37.67
C GLU B 28 -5.03 45.81 37.15
N ASN B 29 -4.33 45.07 37.99
CA ASN B 29 -3.06 44.50 37.59
C ASN B 29 -3.19 43.13 36.91
N CYS B 30 -4.40 42.58 36.93
CA CYS B 30 -4.58 41.23 36.40
C CYS B 30 -5.34 41.05 35.09
N GLU B 31 -5.12 39.88 34.49
CA GLU B 31 -5.78 39.52 33.24
C GLU B 31 -5.95 38.01 33.19
N THR B 32 -6.79 37.55 32.27
CA THR B 32 -7.02 36.12 32.12
C THR B 32 -7.42 35.88 30.67
N GLY B 33 -7.54 34.62 30.27
CA GLY B 33 -7.90 34.31 28.91
C GLY B 33 -6.77 34.56 27.93
N GLY B 34 -7.06 34.44 26.64
CA GLY B 34 -6.05 34.66 25.64
C GLY B 34 -4.84 33.78 25.85
N SER B 35 -3.67 34.41 25.91
CA SER B 35 -2.41 33.69 26.09
C SER B 35 -2.32 32.96 27.42
N PHE B 36 -3.10 33.38 28.41
CA PHE B 36 -3.04 32.76 29.73
C PHE B 36 -4.16 31.81 30.09
N GLY B 37 -5.02 31.48 29.13
CA GLY B 37 -6.12 30.56 29.38
C GLY B 37 -6.90 30.81 30.66
N ASP B 38 -7.05 29.77 31.48
CA ASP B 38 -7.79 29.84 32.73
C ASP B 38 -7.05 30.49 33.89
N SER B 39 -5.75 30.73 33.73
CA SER B 39 -4.94 31.32 34.79
C SER B 39 -5.17 32.82 34.93
N ILE B 40 -4.73 33.36 36.07
CA ILE B 40 -4.82 34.79 36.33
C ILE B 40 -3.38 35.31 36.39
N HIS B 41 -3.06 36.22 35.48
CA HIS B 41 -1.73 36.81 35.37
C HIS B 41 -1.75 38.24 35.90
N CYS B 42 -0.91 38.54 36.89
CA CYS B 42 -0.88 39.86 37.51
C CYS B 42 0.47 40.55 37.32
N ARG B 43 0.45 41.75 36.76
CA ARG B 43 1.67 42.53 36.51
C ARG B 43 2.11 43.39 37.67
N GLY B 44 3.43 43.47 37.84
CA GLY B 44 4.01 44.28 38.88
C GLY B 44 4.64 45.48 38.18
N HIS B 45 5.73 46.02 38.70
CA HIS B 45 6.37 47.17 38.07
C HIS B 45 7.11 46.79 36.80
N ALA B 46 7.20 47.72 35.86
CA ALA B 46 7.89 47.49 34.60
C ALA B 46 9.31 46.98 34.83
N ALA B 47 9.75 46.06 33.97
CA ALA B 47 11.08 45.50 34.06
C ALA B 47 11.50 45.01 32.69
N GLY B 48 12.52 45.65 32.11
CA GLY B 48 12.97 45.25 30.78
C GLY B 48 11.88 45.49 29.76
N ASP B 49 11.55 44.47 28.97
CA ASP B 49 10.50 44.61 27.97
C ASP B 49 9.16 44.14 28.49
N TYR B 50 9.13 43.73 29.75
CA TYR B 50 7.87 43.30 30.34
C TYR B 50 7.72 43.85 31.76
N TYR B 51 7.47 42.98 32.72
CA TYR B 51 7.31 43.42 34.09
C TYR B 51 7.61 42.28 35.04
N ALA B 52 7.61 42.60 36.32
CA ALA B 52 7.76 41.60 37.34
C ALA B 52 6.32 41.10 37.26
N TYR B 53 6.07 39.83 37.57
CA TYR B 53 4.71 39.34 37.46
C TYR B 53 4.47 38.09 38.27
N ALA B 54 3.20 37.72 38.35
CA ALA B 54 2.79 36.51 39.04
C ALA B 54 1.72 35.88 38.15
N THR B 55 1.69 34.55 38.14
CA THR B 55 0.68 33.85 37.37
C THR B 55 0.12 32.81 38.32
N PHE B 56 -1.21 32.78 38.45
CA PHE B 56 -1.88 31.85 39.33
C PHE B 56 -2.73 30.89 38.50
N GLY B 57 -2.42 29.61 38.64
CA GLY B 57 -3.15 28.59 37.91
C GLY B 57 -4.24 28.02 38.82
N PHE B 58 -5.36 27.63 38.22
CA PHE B 58 -6.49 27.09 38.97
C PHE B 58 -6.87 25.68 38.54
N THR B 59 -7.54 24.95 39.43
CA THR B 59 -7.96 23.58 39.18
C THR B 59 -8.87 23.42 37.96
N SER B 60 -9.64 24.46 37.65
CA SER B 60 -10.55 24.44 36.50
C SER B 60 -10.88 25.87 36.10
N ALA B 61 -11.78 26.02 35.12
CA ALA B 61 -12.17 27.35 34.66
C ALA B 61 -13.34 27.91 35.46
N ALA B 62 -13.92 27.08 36.32
CA ALA B 62 -15.06 27.51 37.13
C ALA B 62 -14.72 28.73 37.97
N ALA B 63 -15.75 29.46 38.36
CA ALA B 63 -15.55 30.65 39.18
C ALA B 63 -15.15 30.25 40.59
N ASP B 64 -15.41 28.99 40.94
CA ASP B 64 -15.08 28.50 42.28
C ASP B 64 -13.84 27.60 42.28
N ALA B 65 -13.10 27.63 41.19
CA ALA B 65 -11.89 26.82 41.08
C ALA B 65 -10.90 27.30 42.15
N LYS B 66 -9.92 26.46 42.47
CA LYS B 66 -8.94 26.81 43.50
C LYS B 66 -7.53 26.95 42.93
N VAL B 67 -6.72 27.80 43.58
CA VAL B 67 -5.34 28.01 43.14
C VAL B 67 -4.54 26.73 43.36
N ASP B 68 -3.96 26.19 42.29
CA ASP B 68 -3.15 24.98 42.43
C ASP B 68 -1.75 25.21 41.91
N SER B 69 -1.50 26.43 41.45
CA SER B 69 -0.19 26.80 40.91
C SER B 69 0.13 28.27 41.18
N LYS B 70 1.35 28.55 41.64
CA LYS B 70 1.81 29.90 41.91
C LYS B 70 3.16 30.09 41.22
N SER B 71 3.25 31.09 40.35
CA SER B 71 4.50 31.39 39.63
C SER B 71 4.78 32.88 39.70
N GLN B 72 6.06 33.25 39.78
CA GLN B 72 6.42 34.67 39.82
C GLN B 72 7.84 34.93 39.35
N GLU B 73 8.05 36.13 38.81
CA GLU B 73 9.37 36.55 38.38
C GLU B 73 9.50 38.00 38.83
N ALA B 74 10.59 38.29 39.53
CA ALA B 74 10.90 39.63 40.02
C ALA B 74 9.99 40.23 41.08
N LEU B 75 9.19 39.41 41.75
CA LEU B 75 8.34 39.93 42.82
C LEU B 75 9.03 39.62 44.15
N LEU B 76 9.64 38.45 44.23
CA LEU B 76 10.34 38.03 45.43
C LEU B 76 11.85 38.25 45.32
N ALA B 77 12.44 38.79 46.37
CA ALA B 77 13.87 39.04 46.40
C ALA B 77 14.54 38.04 47.33
N PRO B 78 15.70 37.50 46.93
CA PRO B 78 16.40 36.55 47.78
C PRO B 78 16.85 37.28 49.06
N SER B 79 16.75 36.62 50.21
CA SER B 79 17.12 37.25 51.48
C SER B 79 18.62 37.47 51.66
N ALA B 80 19.42 36.54 51.15
CA ALA B 80 20.87 36.64 51.27
C ALA B 80 21.50 35.82 50.14
N PRO B 81 21.55 36.40 48.93
CA PRO B 81 22.12 35.73 47.75
C PRO B 81 23.62 35.51 47.81
N THR B 82 24.04 34.25 47.86
CA THR B 82 25.45 33.91 47.93
C THR B 82 25.83 32.83 46.92
N LEU B 83 24.95 32.59 45.96
CA LEU B 83 25.22 31.58 44.95
C LEU B 83 26.45 31.96 44.12
N THR B 84 27.24 30.97 43.74
CA THR B 84 28.41 31.20 42.91
C THR B 84 28.46 30.04 41.92
N LEU B 85 29.33 30.13 40.93
CA LEU B 85 29.45 29.07 39.94
C LEU B 85 29.98 27.81 40.64
N ALA B 86 30.90 28.01 41.56
CA ALA B 86 31.48 26.90 42.31
C ALA B 86 30.41 26.13 43.07
N LYS B 87 29.54 26.86 43.77
CA LYS B 87 28.48 26.22 44.51
C LYS B 87 27.49 25.54 43.57
N PHE B 88 27.14 26.21 42.47
CA PHE B 88 26.22 25.64 41.50
C PHE B 88 26.73 24.30 40.98
N ASN B 89 28.01 24.25 40.63
CA ASN B 89 28.60 23.02 40.11
C ASN B 89 28.59 21.88 41.12
N GLN B 90 28.41 22.19 42.40
CA GLN B 90 28.40 21.17 43.44
C GLN B 90 26.99 20.60 43.69
N VAL B 91 25.98 21.27 43.14
CA VAL B 91 24.60 20.82 43.28
C VAL B 91 24.46 19.57 42.41
N THR B 92 23.76 18.55 42.91
CA THR B 92 23.58 17.34 42.11
C THR B 92 22.14 16.82 42.07
N VAL B 93 21.73 16.36 40.89
CA VAL B 93 20.39 15.80 40.70
C VAL B 93 20.22 14.67 41.72
N GLY B 94 19.08 14.65 42.38
CA GLY B 94 18.83 13.63 43.39
C GLY B 94 18.84 14.24 44.78
N MET B 95 19.37 15.45 44.89
CA MET B 95 19.42 16.14 46.17
C MET B 95 18.03 16.57 46.59
N THR B 96 17.82 16.65 47.90
CA THR B 96 16.55 17.11 48.44
C THR B 96 16.67 18.63 48.45
N ARG B 97 15.56 19.33 48.63
CA ARG B 97 15.62 20.78 48.66
C ARG B 97 16.58 21.23 49.76
N ALA B 98 16.54 20.55 50.91
CA ALA B 98 17.42 20.89 52.01
C ALA B 98 18.88 20.80 51.57
N GLN B 99 19.24 19.69 50.94
CA GLN B 99 20.61 19.51 50.48
C GLN B 99 21.01 20.59 49.47
N VAL B 100 20.10 20.95 48.58
CA VAL B 100 20.38 21.98 47.58
C VAL B 100 20.65 23.32 48.27
N LEU B 101 19.78 23.69 49.21
CA LEU B 101 19.94 24.95 49.93
C LEU B 101 21.23 24.99 50.74
N ALA B 102 21.66 23.85 51.28
CA ALA B 102 22.89 23.81 52.04
C ALA B 102 24.07 24.04 51.10
N THR B 103 23.85 23.76 49.81
CA THR B 103 24.90 23.91 48.81
C THR B 103 24.99 25.32 48.19
N VAL B 104 23.84 25.92 47.88
CA VAL B 104 23.84 27.24 47.25
C VAL B 104 23.65 28.43 48.20
N GLY B 105 23.32 28.14 49.46
CA GLY B 105 23.10 29.20 50.43
C GLY B 105 21.64 29.28 50.83
N GLN B 106 21.37 29.32 52.13
CA GLN B 106 20.00 29.37 52.63
C GLN B 106 19.16 30.57 52.15
N GLY B 107 19.81 31.66 51.77
CA GLY B 107 19.07 32.82 51.32
C GLY B 107 19.32 33.19 49.88
N SER B 108 19.80 32.23 49.09
CA SER B 108 20.11 32.49 47.69
C SER B 108 18.95 32.32 46.72
N CYS B 109 17.87 31.68 47.16
CA CYS B 109 16.76 31.41 46.24
C CYS B 109 15.38 31.92 46.59
N THR B 110 14.56 32.00 45.55
CA THR B 110 13.16 32.41 45.65
C THR B 110 12.39 31.37 44.84
N THR B 111 11.11 31.21 45.13
CA THR B 111 10.29 30.23 44.41
C THR B 111 9.80 30.81 43.09
N TRP B 112 10.23 30.22 41.98
CA TRP B 112 9.80 30.65 40.65
C TRP B 112 8.40 30.10 40.38
N SER B 113 8.24 28.79 40.55
CA SER B 113 6.95 28.16 40.32
C SER B 113 6.73 26.98 41.28
N GLU B 114 5.48 26.82 41.70
CA GLU B 114 5.11 25.74 42.61
C GLU B 114 3.75 25.26 42.12
N TYR B 115 3.68 23.99 41.72
CA TYR B 115 2.46 23.42 41.17
C TYR B 115 2.08 22.07 41.76
N TYR B 116 0.80 21.90 42.05
CA TYR B 116 0.29 20.64 42.58
C TYR B 116 -0.68 20.06 41.55
N PRO B 117 -0.18 19.18 40.69
CA PRO B 117 -0.99 18.54 39.64
C PRO B 117 -2.10 17.63 40.16
N ALA B 118 -2.02 17.26 41.43
CA ALA B 118 -3.02 16.39 42.03
C ALA B 118 -3.79 17.07 43.16
N TYR B 119 -3.71 18.41 43.22
CA TYR B 119 -4.41 19.16 44.27
C TYR B 119 -5.83 18.61 44.45
N PRO B 120 -6.30 18.50 45.70
CA PRO B 120 -5.67 18.83 46.99
C PRO B 120 -4.46 18.00 47.42
N SER B 121 -4.20 16.88 46.76
CA SER B 121 -3.05 16.06 47.11
C SER B 121 -1.77 16.79 46.75
N THR B 122 -0.74 16.61 47.58
CA THR B 122 0.53 17.27 47.31
C THR B 122 1.49 16.34 46.58
N ALA B 123 1.02 15.13 46.27
CA ALA B 123 1.86 14.18 45.55
C ALA B 123 2.13 14.68 44.13
N GLY B 124 3.38 14.56 43.69
CA GLY B 124 3.75 15.00 42.36
C GLY B 124 4.04 16.50 42.26
N VAL B 125 4.12 17.17 43.40
CA VAL B 125 4.40 18.60 43.41
C VAL B 125 5.68 18.94 42.65
N THR B 126 5.59 19.92 41.77
CA THR B 126 6.78 20.35 41.03
C THR B 126 7.12 21.75 41.54
N LEU B 127 8.40 22.01 41.72
CA LEU B 127 8.84 23.30 42.22
C LEU B 127 10.13 23.77 41.56
N SER B 128 10.10 25.01 41.07
CA SER B 128 11.27 25.61 40.42
C SER B 128 11.77 26.76 41.29
N LEU B 129 13.07 26.77 41.55
CA LEU B 129 13.68 27.83 42.33
C LEU B 129 14.53 28.69 41.41
N SER B 130 14.54 29.99 41.68
CA SER B 130 15.35 30.96 40.93
C SER B 130 16.35 31.39 41.99
N CYS B 131 17.64 31.12 41.74
CA CYS B 131 18.67 31.47 42.70
C CYS B 131 19.64 32.46 42.06
N PHE B 132 20.17 33.39 42.86
CA PHE B 132 21.07 34.42 42.35
C PHE B 132 22.35 34.60 43.16
N ASP B 133 23.39 35.14 42.51
CA ASP B 133 24.64 35.39 43.22
C ASP B 133 24.52 36.75 43.90
N VAL B 134 25.59 37.18 44.57
CA VAL B 134 25.58 38.44 45.30
C VAL B 134 24.87 39.60 44.60
N ASP B 135 25.05 39.72 43.27
CA ASP B 135 24.41 40.81 42.54
C ASP B 135 23.55 40.32 41.38
N GLY B 136 23.19 39.04 41.40
CA GLY B 136 22.38 38.48 40.33
C GLY B 136 20.96 38.98 40.22
N TYR B 137 20.31 39.20 41.36
CA TYR B 137 18.94 39.66 41.36
C TYR B 137 18.74 41.11 40.95
N SER B 138 17.78 41.34 40.08
CA SER B 138 17.43 42.67 39.61
C SER B 138 15.93 42.67 39.39
N SER B 139 15.24 43.54 40.12
CA SER B 139 13.79 43.62 40.01
C SER B 139 13.34 44.32 38.73
N THR B 140 14.05 45.38 38.36
CA THR B 140 13.69 46.15 37.16
C THR B 140 14.46 45.77 35.91
N GLY B 141 15.65 45.19 36.07
CA GLY B 141 16.44 44.81 34.91
C GLY B 141 16.34 43.34 34.57
N ALA B 142 17.50 42.72 34.35
CA ALA B 142 17.57 41.31 34.00
C ALA B 142 18.55 40.60 34.93
N ALA B 143 18.26 39.35 35.24
CA ALA B 143 19.12 38.55 36.11
C ALA B 143 20.55 38.51 35.56
N ARG B 144 21.52 38.76 36.43
CA ARG B 144 22.93 38.74 36.06
C ARG B 144 23.69 37.87 37.05
N GLY B 145 23.70 36.57 36.79
CA GLY B 145 24.35 35.63 37.68
C GLY B 145 23.21 34.97 38.42
N SER B 146 22.63 33.93 37.81
CA SER B 146 21.51 33.23 38.42
C SER B 146 21.40 31.79 37.96
N ALA B 147 20.47 31.07 38.56
CA ALA B 147 20.26 29.67 38.21
C ALA B 147 18.81 29.25 38.40
N HIS B 148 18.46 28.13 37.78
CA HIS B 148 17.12 27.56 37.84
C HIS B 148 17.31 26.13 38.33
N LEU B 149 16.68 25.81 39.45
CA LEU B 149 16.77 24.46 40.01
C LEU B 149 15.33 23.97 40.14
N TRP B 150 15.02 22.84 39.50
CA TRP B 150 13.67 22.32 39.54
C TRP B 150 13.57 20.96 40.21
N PHE B 151 12.49 20.78 40.98
CA PHE B 151 12.25 19.56 41.73
C PHE B 151 10.89 18.93 41.46
N THR B 152 10.77 17.65 41.80
CA THR B 152 9.52 16.91 41.71
C THR B 152 9.49 16.12 43.01
N ASP B 153 8.42 16.28 43.77
CA ASP B 153 8.29 15.60 45.06
C ASP B 153 9.49 15.89 45.97
N GLY B 154 9.96 17.14 45.93
CA GLY B 154 11.07 17.54 46.76
C GLY B 154 12.46 17.06 46.39
N VAL B 155 12.58 16.42 45.23
CA VAL B 155 13.88 15.91 44.79
C VAL B 155 14.31 16.66 43.53
N LEU B 156 15.56 17.11 43.51
CA LEU B 156 16.06 17.86 42.35
C LEU B 156 16.11 17.00 41.09
N GLN B 157 15.49 17.50 40.02
CA GLN B 157 15.47 16.80 38.74
C GLN B 157 16.49 17.40 37.76
N GLY B 158 16.80 18.69 37.92
CA GLY B 158 17.75 19.31 37.02
C GLY B 158 18.18 20.70 37.45
N LYS B 159 19.17 21.24 36.75
CA LYS B 159 19.69 22.56 37.07
C LYS B 159 20.29 23.24 35.84
N ARG B 160 20.33 24.56 35.87
CA ARG B 160 20.89 25.33 34.76
C ARG B 160 21.26 26.70 35.29
N GLN B 161 22.37 27.26 34.81
CA GLN B 161 22.79 28.58 35.26
C GLN B 161 23.19 29.53 34.14
N TRP B 162 23.22 30.81 34.48
CA TRP B 162 23.56 31.85 33.54
C TRP B 162 24.47 32.88 34.18
N ASP B 163 25.62 33.09 33.56
CA ASP B 163 26.59 34.10 33.99
C ASP B 163 27.13 34.05 35.41
N LEU B 164 27.16 32.88 36.02
CA LEU B 164 27.71 32.78 37.37
C LEU B 164 29.24 32.71 37.27
N VAL B 165 29.93 33.26 38.25
CA VAL B 165 31.39 33.24 38.25
C VAL B 165 31.92 32.63 39.54
N HIS C 1 -15.71 -33.69 -56.50
CA HIS C 1 -15.47 -32.48 -57.34
C HIS C 1 -14.03 -31.99 -57.19
N PRO C 2 -13.38 -31.62 -58.31
CA PRO C 2 -12.00 -31.14 -58.35
C PRO C 2 -11.68 -29.97 -57.42
N GLU C 3 -12.67 -29.11 -57.20
CA GLU C 3 -12.46 -27.95 -56.32
C GLU C 3 -12.04 -28.38 -54.92
N THR C 4 -12.68 -29.43 -54.41
CA THR C 4 -12.35 -29.93 -53.08
C THR C 4 -10.90 -30.40 -53.04
N LEU C 5 -10.46 -31.04 -54.12
CA LEU C 5 -9.08 -31.52 -54.18
C LEU C 5 -8.12 -30.33 -54.13
N VAL C 6 -8.56 -29.20 -54.66
CA VAL C 6 -7.72 -28.00 -54.64
C VAL C 6 -7.55 -27.57 -53.19
N LYS C 7 -8.61 -27.69 -52.40
CA LYS C 7 -8.55 -27.29 -51.00
C LYS C 7 -7.69 -28.26 -50.18
N VAL C 8 -7.74 -29.54 -50.54
CA VAL C 8 -6.95 -30.54 -49.83
C VAL C 8 -5.46 -30.27 -50.02
N LYS C 9 -5.03 -30.01 -51.25
CA LYS C 9 -3.63 -29.72 -51.47
C LYS C 9 -3.29 -28.40 -50.80
N ASP C 10 -4.26 -27.49 -50.76
CA ASP C 10 -4.04 -26.21 -50.12
C ASP C 10 -3.76 -26.43 -48.64
N ALA C 11 -4.50 -27.37 -48.05
CA ALA C 11 -4.33 -27.70 -46.64
C ALA C 11 -2.90 -28.18 -46.39
N GLU C 12 -2.40 -29.02 -47.30
CA GLU C 12 -1.04 -29.53 -47.17
C GLU C 12 -0.03 -28.40 -47.17
N ASP C 13 -0.20 -27.45 -48.09
CA ASP C 13 0.71 -26.31 -48.17
C ASP C 13 0.68 -25.46 -46.90
N GLN C 14 -0.51 -25.21 -46.38
CA GLN C 14 -0.65 -24.40 -45.19
C GLN C 14 -0.23 -25.09 -43.90
N LEU C 15 -0.32 -26.42 -43.86
CA LEU C 15 0.07 -27.17 -42.68
C LEU C 15 1.52 -27.64 -42.75
N GLY C 16 2.06 -27.69 -43.96
CA GLY C 16 3.42 -28.16 -44.12
C GLY C 16 3.48 -29.64 -43.79
N ALA C 17 2.41 -30.36 -44.16
CA ALA C 17 2.32 -31.79 -43.89
C ALA C 17 1.35 -32.47 -44.84
N ARG C 18 1.48 -33.79 -44.97
CA ARG C 18 0.59 -34.51 -45.85
C ARG C 18 -0.83 -34.66 -45.30
N VAL C 19 -1.79 -34.62 -46.20
CA VAL C 19 -3.20 -34.75 -45.85
C VAL C 19 -3.78 -35.90 -46.68
N GLY C 20 -4.49 -36.80 -46.01
CA GLY C 20 -5.09 -37.92 -46.70
C GLY C 20 -6.58 -37.64 -46.77
N TYR C 21 -7.18 -37.84 -47.93
CA TYR C 21 -8.60 -37.55 -48.07
C TYR C 21 -9.34 -38.51 -48.98
N ILE C 22 -10.59 -38.80 -48.61
CA ILE C 22 -11.44 -39.66 -49.41
C ILE C 22 -12.91 -39.39 -49.17
N GLU C 23 -13.65 -39.32 -50.27
CA GLU C 23 -15.09 -39.11 -50.23
C GLU C 23 -15.61 -40.36 -50.93
N LEU C 24 -16.41 -41.14 -50.21
CA LEU C 24 -16.94 -42.39 -50.74
C LEU C 24 -18.46 -42.39 -50.79
N ASP C 25 -19.02 -43.11 -51.77
CA ASP C 25 -20.45 -43.20 -51.88
C ASP C 25 -20.87 -44.31 -50.92
N LEU C 26 -21.66 -43.95 -49.91
CA LEU C 26 -22.10 -44.91 -48.90
C LEU C 26 -22.78 -46.13 -49.50
N ASN C 27 -23.61 -45.89 -50.51
CA ASN C 27 -24.36 -46.96 -51.17
C ASN C 27 -23.49 -47.87 -52.05
N SER C 28 -22.93 -47.30 -53.11
CA SER C 28 -22.10 -48.05 -54.06
C SER C 28 -20.74 -48.45 -53.49
N GLY C 29 -20.16 -47.56 -52.69
CA GLY C 29 -18.86 -47.84 -52.12
C GLY C 29 -17.73 -47.40 -53.03
N LYS C 30 -18.08 -46.68 -54.09
CA LYS C 30 -17.10 -46.19 -55.04
C LYS C 30 -16.50 -44.87 -54.58
N ILE C 31 -15.21 -44.71 -54.82
CA ILE C 31 -14.50 -43.49 -54.44
C ILE C 31 -14.92 -42.37 -55.38
N LEU C 32 -15.45 -41.30 -54.83
CA LEU C 32 -15.90 -40.16 -55.62
C LEU C 32 -14.75 -39.17 -55.84
N GLU C 33 -13.76 -39.22 -54.94
CA GLU C 33 -12.59 -38.36 -55.02
C GLU C 33 -11.65 -38.73 -53.89
N SER C 34 -10.35 -38.68 -54.18
CA SER C 34 -9.35 -39.02 -53.18
C SER C 34 -8.06 -38.26 -53.34
N PHE C 35 -7.22 -38.34 -52.31
CA PHE C 35 -5.92 -37.68 -52.28
C PHE C 35 -5.08 -38.53 -51.31
N ARG C 36 -4.00 -39.10 -51.82
CA ARG C 36 -3.14 -39.97 -51.03
C ARG C 36 -4.01 -41.04 -50.35
N PRO C 37 -4.91 -41.67 -51.12
CA PRO C 37 -5.79 -42.71 -50.58
C PRO C 37 -5.11 -43.96 -50.03
N GLU C 38 -3.90 -44.25 -50.50
CA GLU C 38 -3.22 -45.44 -50.03
C GLU C 38 -1.98 -45.18 -49.17
N GLU C 39 -1.87 -43.96 -48.65
CA GLU C 39 -0.75 -43.65 -47.77
C GLU C 39 -1.25 -43.87 -46.34
N ARG C 40 -0.36 -44.27 -45.45
CA ARG C 40 -0.72 -44.52 -44.06
C ARG C 40 -0.68 -43.27 -43.18
N PHE C 41 -1.62 -43.20 -42.24
CA PHE C 41 -1.72 -42.10 -41.27
C PHE C 41 -2.10 -42.70 -39.93
N PRO C 42 -1.64 -42.11 -38.81
CA PRO C 42 -1.99 -42.64 -37.49
C PRO C 42 -3.50 -42.47 -37.29
N MET C 43 -4.17 -43.50 -36.77
CA MET C 43 -5.62 -43.43 -36.55
C MET C 43 -6.03 -42.54 -35.37
N MET C 44 -5.24 -42.53 -34.31
CA MET C 44 -5.57 -41.75 -33.13
C MET C 44 -6.92 -42.26 -32.63
N SER C 45 -7.74 -41.40 -32.04
CA SER C 45 -9.03 -41.84 -31.52
C SER C 45 -10.06 -42.30 -32.57
N THR C 46 -9.79 -42.13 -33.86
CA THR C 46 -10.77 -42.60 -34.84
C THR C 46 -10.88 -44.13 -34.78
N PHE C 47 -9.86 -44.79 -34.23
CA PHE C 47 -9.88 -46.24 -34.12
C PHE C 47 -11.00 -46.75 -33.18
N LYS C 48 -11.46 -45.87 -32.30
CA LYS C 48 -12.47 -46.27 -31.33
C LYS C 48 -13.79 -46.70 -31.95
N VAL C 49 -14.10 -46.19 -33.14
CA VAL C 49 -15.32 -46.60 -33.83
C VAL C 49 -15.14 -48.06 -34.28
N LEU C 50 -13.94 -48.39 -34.76
CA LEU C 50 -13.64 -49.75 -35.20
C LEU C 50 -13.67 -50.67 -33.99
N LEU C 51 -13.17 -50.16 -32.87
CA LEU C 51 -13.15 -50.91 -31.61
C LEU C 51 -14.56 -51.28 -31.19
N CYS C 52 -15.46 -50.31 -31.16
CA CYS C 52 -16.84 -50.59 -30.76
C CYS C 52 -17.59 -51.44 -31.78
N GLY C 53 -17.12 -51.42 -33.02
CA GLY C 53 -17.73 -52.24 -34.04
C GLY C 53 -17.41 -53.69 -33.70
N ALA C 54 -16.16 -53.93 -33.28
CA ALA C 54 -15.71 -55.27 -32.90
C ALA C 54 -16.45 -55.74 -31.65
N VAL C 55 -16.71 -54.82 -30.74
CA VAL C 55 -17.43 -55.14 -29.51
C VAL C 55 -18.87 -55.50 -29.89
N LEU C 56 -19.46 -54.71 -30.77
CA LEU C 56 -20.83 -54.94 -31.23
C LEU C 56 -20.96 -56.28 -31.94
N SER C 57 -19.89 -56.70 -32.61
CA SER C 57 -19.91 -57.98 -33.31
C SER C 57 -20.02 -59.11 -32.29
N ARG C 58 -19.26 -58.98 -31.21
CA ARG C 58 -19.26 -59.96 -30.14
C ARG C 58 -20.64 -60.04 -29.50
N ILE C 59 -21.28 -58.89 -29.39
CA ILE C 59 -22.62 -58.79 -28.82
C ILE C 59 -23.62 -59.50 -29.74
N ASP C 60 -23.49 -59.25 -31.04
CA ASP C 60 -24.36 -59.87 -32.04
C ASP C 60 -24.23 -61.39 -31.96
N ALA C 61 -23.02 -61.85 -31.65
CA ALA C 61 -22.75 -63.29 -31.55
C ALA C 61 -23.07 -63.85 -30.16
N GLY C 62 -23.68 -63.05 -29.30
CA GLY C 62 -24.02 -63.50 -27.97
C GLY C 62 -22.84 -63.76 -27.03
N GLN C 63 -21.72 -63.08 -27.29
CA GLN C 63 -20.52 -63.24 -26.48
C GLN C 63 -20.24 -62.01 -25.61
N GLU C 64 -21.13 -61.03 -25.71
CA GLU C 64 -20.98 -59.79 -24.94
C GLU C 64 -22.35 -59.17 -24.78
N GLN C 65 -22.50 -58.30 -23.79
CA GLN C 65 -23.78 -57.65 -23.56
C GLN C 65 -23.60 -56.15 -23.29
N LEU C 66 -24.40 -55.33 -23.96
CA LEU C 66 -24.32 -53.88 -23.77
C LEU C 66 -24.51 -53.47 -22.31
N GLY C 67 -25.40 -54.18 -21.61
CA GLY C 67 -25.68 -53.85 -20.22
C GLY C 67 -24.77 -54.42 -19.15
N ARG C 68 -23.75 -55.17 -19.58
CA ARG C 68 -22.81 -55.78 -18.65
C ARG C 68 -21.93 -54.71 -18.02
N ARG C 69 -21.96 -54.60 -16.69
CA ARG C 69 -21.14 -53.60 -16.00
C ARG C 69 -19.74 -54.11 -15.74
N ILE C 70 -18.75 -53.25 -16.01
CA ILE C 70 -17.35 -53.55 -15.81
C ILE C 70 -16.83 -52.70 -14.66
N HIS C 71 -16.24 -53.36 -13.68
CA HIS C 71 -15.72 -52.67 -12.52
C HIS C 71 -14.21 -52.63 -12.66
N TYR C 72 -13.67 -51.41 -12.77
CA TYR C 72 -12.24 -51.24 -12.94
C TYR C 72 -11.62 -50.53 -11.74
N SER C 73 -10.32 -50.26 -11.79
CA SER C 73 -9.65 -49.61 -10.67
C SER C 73 -8.62 -48.57 -11.09
N GLN C 74 -8.03 -47.92 -10.08
CA GLN C 74 -7.02 -46.89 -10.29
C GLN C 74 -5.95 -47.28 -11.29
N ASN C 75 -5.48 -48.53 -11.22
CA ASN C 75 -4.43 -48.98 -12.11
C ASN C 75 -4.83 -48.89 -13.58
N ASP C 76 -6.12 -48.97 -13.84
CA ASP C 76 -6.63 -48.91 -15.20
C ASP C 76 -6.64 -47.52 -15.82
N LEU C 77 -6.71 -46.50 -14.98
CA LEU C 77 -6.77 -45.14 -15.50
C LEU C 77 -5.55 -44.63 -16.25
N VAL C 78 -5.81 -43.98 -17.38
CA VAL C 78 -4.77 -43.36 -18.17
C VAL C 78 -5.31 -41.95 -18.36
N ALA C 79 -4.45 -41.04 -18.81
CA ALA C 79 -4.87 -39.66 -19.01
C ALA C 79 -5.98 -39.50 -20.04
N ALA C 80 -6.63 -38.33 -20.01
CA ALA C 80 -7.70 -37.97 -20.93
C ALA C 80 -8.87 -38.94 -20.82
N SER C 81 -9.37 -39.14 -19.60
CA SER C 81 -10.48 -40.05 -19.34
C SER C 81 -11.50 -39.37 -18.43
N PRO C 82 -12.20 -38.35 -18.94
CA PRO C 82 -13.21 -37.60 -18.19
C PRO C 82 -14.38 -38.41 -17.65
N VAL C 83 -14.85 -39.38 -18.42
CA VAL C 83 -15.99 -40.18 -17.97
C VAL C 83 -15.60 -41.35 -17.06
N THR C 84 -14.63 -42.15 -17.48
CA THR C 84 -14.21 -43.29 -16.67
C THR C 84 -13.69 -42.83 -15.31
N GLU C 85 -13.07 -41.66 -15.27
CA GLU C 85 -12.55 -41.13 -14.00
C GLU C 85 -13.74 -40.89 -13.07
N LYS C 86 -14.84 -40.38 -13.63
CA LYS C 86 -16.03 -40.08 -12.83
C LYS C 86 -16.74 -41.35 -12.32
N HIS C 87 -16.76 -42.40 -13.12
CA HIS C 87 -17.43 -43.63 -12.70
C HIS C 87 -16.48 -44.69 -12.14
N LEU C 88 -15.37 -44.26 -11.57
CA LEU C 88 -14.41 -45.21 -11.02
C LEU C 88 -14.94 -46.05 -9.86
N THR C 89 -15.84 -45.48 -9.06
CA THR C 89 -16.37 -46.23 -7.92
C THR C 89 -17.60 -47.07 -8.24
N ASP C 90 -18.35 -46.69 -9.27
CA ASP C 90 -19.55 -47.44 -9.63
C ASP C 90 -19.50 -48.23 -10.95
N GLY C 91 -18.33 -48.31 -11.56
CA GLY C 91 -18.20 -49.04 -12.81
C GLY C 91 -18.92 -48.42 -13.98
N MET C 92 -18.83 -49.04 -15.15
CA MET C 92 -19.49 -48.58 -16.36
C MET C 92 -19.90 -49.76 -17.22
N THR C 93 -21.07 -49.69 -17.85
CA THR C 93 -21.50 -50.78 -18.72
C THR C 93 -20.76 -50.68 -20.05
N VAL C 94 -20.78 -51.77 -20.80
CA VAL C 94 -20.13 -51.80 -22.11
C VAL C 94 -20.71 -50.68 -22.97
N ARG C 95 -22.02 -50.47 -22.85
CA ARG C 95 -22.69 -49.44 -23.62
C ARG C 95 -22.13 -48.06 -23.25
N GLU C 96 -22.03 -47.78 -21.97
CA GLU C 96 -21.50 -46.50 -21.49
C GLU C 96 -20.04 -46.31 -21.90
N LEU C 97 -19.28 -47.40 -21.93
CA LEU C 97 -17.88 -47.31 -22.32
C LEU C 97 -17.74 -46.95 -23.80
N CYS C 98 -18.55 -47.57 -24.66
CA CYS C 98 -18.48 -47.22 -26.08
C CYS C 98 -18.97 -45.80 -26.27
N SER C 99 -19.98 -45.40 -25.50
CA SER C 99 -20.47 -44.03 -25.62
C SER C 99 -19.36 -43.05 -25.21
N ALA C 100 -18.62 -43.38 -24.15
CA ALA C 100 -17.55 -42.51 -23.67
C ALA C 100 -16.36 -42.46 -24.63
N ALA C 101 -15.98 -43.64 -25.12
CA ALA C 101 -14.85 -43.74 -26.05
C ALA C 101 -15.11 -42.98 -27.34
N ILE C 102 -16.33 -43.11 -27.86
CA ILE C 102 -16.68 -42.46 -29.13
C ILE C 102 -17.03 -40.98 -29.03
N THR C 103 -17.94 -40.63 -28.12
CA THR C 103 -18.36 -39.23 -27.99
C THR C 103 -17.41 -38.33 -27.23
N MET C 104 -16.55 -38.91 -26.39
CA MET C 104 -15.63 -38.13 -25.57
C MET C 104 -14.16 -38.51 -25.72
N SER C 105 -13.86 -39.43 -26.61
CA SER C 105 -12.48 -39.90 -26.81
C SER C 105 -11.86 -40.29 -25.48
N ASP C 106 -12.67 -40.87 -24.60
CA ASP C 106 -12.21 -41.29 -23.29
C ASP C 106 -11.19 -42.41 -23.49
N ASN C 107 -9.94 -42.16 -23.10
CA ASN C 107 -8.87 -43.15 -23.27
C ASN C 107 -8.98 -44.43 -22.46
N THR C 108 -9.31 -44.33 -21.18
CA THR C 108 -9.43 -45.52 -20.36
C THR C 108 -10.58 -46.40 -20.86
N ALA C 109 -11.67 -45.77 -21.27
CA ALA C 109 -12.82 -46.52 -21.78
C ALA C 109 -12.35 -47.36 -22.96
N ALA C 110 -11.51 -46.79 -23.82
CA ALA C 110 -11.00 -47.51 -24.97
C ALA C 110 -10.17 -48.72 -24.55
N ASN C 111 -9.30 -48.55 -23.55
CA ASN C 111 -8.48 -49.67 -23.11
C ASN C 111 -9.32 -50.77 -22.46
N LEU C 112 -10.34 -50.38 -21.69
CA LEU C 112 -11.22 -51.37 -21.06
C LEU C 112 -11.93 -52.19 -22.12
N LEU C 113 -12.38 -51.51 -23.18
CA LEU C 113 -13.06 -52.18 -24.27
C LEU C 113 -12.09 -53.09 -25.01
N LEU C 114 -10.86 -52.62 -25.20
CA LEU C 114 -9.84 -53.42 -25.88
C LEU C 114 -9.63 -54.72 -25.13
N THR C 115 -9.63 -54.64 -23.80
CA THR C 115 -9.46 -55.83 -22.97
C THR C 115 -10.59 -56.83 -23.21
N THR C 116 -11.83 -56.35 -23.31
CA THR C 116 -12.97 -57.25 -23.52
C THR C 116 -12.85 -58.05 -24.82
N ILE C 117 -12.13 -57.54 -25.82
CA ILE C 117 -12.00 -58.26 -27.08
C ILE C 117 -10.69 -59.00 -27.24
N GLY C 118 -9.77 -58.83 -26.30
CA GLY C 118 -8.49 -59.51 -26.40
C GLY C 118 -7.33 -58.62 -26.82
N GLY C 119 -7.52 -57.31 -26.77
CA GLY C 119 -6.44 -56.40 -27.11
C GLY C 119 -6.35 -55.97 -28.57
N PRO C 120 -5.36 -55.13 -28.89
CA PRO C 120 -5.13 -54.61 -30.25
C PRO C 120 -5.06 -55.70 -31.32
N LYS C 121 -4.35 -56.79 -31.03
CA LYS C 121 -4.22 -57.88 -31.99
C LYS C 121 -5.58 -58.42 -32.45
N GLU C 122 -6.54 -58.49 -31.52
CA GLU C 122 -7.86 -59.00 -31.85
C GLU C 122 -8.67 -58.00 -32.66
N LEU C 123 -8.41 -56.71 -32.47
CA LEU C 123 -9.13 -55.71 -33.25
C LEU C 123 -8.64 -55.86 -34.68
N THR C 124 -7.34 -56.00 -34.84
CA THR C 124 -6.77 -56.16 -36.18
C THR C 124 -7.30 -57.42 -36.85
N ALA C 125 -7.34 -58.53 -36.12
CA ALA C 125 -7.88 -59.77 -36.68
C ALA C 125 -9.29 -59.52 -37.19
N PHE C 126 -10.09 -58.84 -36.37
CA PHE C 126 -11.47 -58.52 -36.73
C PHE C 126 -11.53 -57.77 -38.05
N LEU C 127 -10.68 -56.76 -38.17
CA LEU C 127 -10.63 -55.95 -39.37
C LEU C 127 -10.20 -56.78 -40.58
N HIS C 128 -9.19 -57.63 -40.39
CA HIS C 128 -8.71 -58.45 -41.48
C HIS C 128 -9.82 -59.40 -41.96
N ASN C 129 -10.52 -60.01 -41.01
CA ASN C 129 -11.60 -60.94 -41.36
C ASN C 129 -12.75 -60.32 -42.13
N MET C 130 -12.94 -59.01 -41.96
CA MET C 130 -14.03 -58.35 -42.67
C MET C 130 -13.57 -57.68 -43.96
N GLY C 131 -12.33 -57.96 -44.37
CA GLY C 131 -11.82 -57.40 -45.61
C GLY C 131 -10.80 -56.28 -45.56
N ASP C 132 -10.49 -55.77 -44.38
CA ASP C 132 -9.52 -54.68 -44.25
C ASP C 132 -8.16 -55.26 -43.91
N HIS C 133 -7.36 -55.50 -44.95
CA HIS C 133 -6.03 -56.08 -44.75
C HIS C 133 -4.93 -55.04 -44.55
N VAL C 134 -5.33 -53.80 -44.28
CA VAL C 134 -4.36 -52.71 -44.10
C VAL C 134 -4.40 -52.08 -42.71
N THR C 135 -5.58 -51.73 -42.23
CA THR C 135 -5.73 -51.09 -40.92
C THR C 135 -5.24 -52.00 -39.81
N ARG C 136 -4.44 -51.44 -38.91
CA ARG C 136 -3.88 -52.23 -37.81
C ARG C 136 -3.70 -51.43 -36.53
N LEU C 137 -4.04 -52.06 -35.40
CA LEU C 137 -3.84 -51.45 -34.10
C LEU C 137 -2.82 -52.35 -33.43
N ASP C 138 -1.77 -51.74 -32.89
CA ASP C 138 -0.72 -52.52 -32.25
C ASP C 138 -0.51 -52.16 -30.78
N ARG C 139 -0.96 -50.97 -30.38
CA ARG C 139 -0.77 -50.53 -28.99
C ARG C 139 -2.05 -50.06 -28.31
N TRP C 140 -1.95 -49.81 -27.01
CA TRP C 140 -3.08 -49.34 -26.21
C TRP C 140 -2.96 -47.83 -26.02
N GLU C 141 -3.95 -47.21 -25.38
CA GLU C 141 -3.89 -45.78 -25.12
C GLU C 141 -2.92 -45.64 -23.95
N PRO C 142 -2.10 -44.57 -23.92
CA PRO C 142 -1.97 -43.47 -24.89
C PRO C 142 -0.87 -43.64 -25.94
N GLU C 143 -0.09 -44.71 -25.83
CA GLU C 143 1.02 -44.94 -26.75
C GLU C 143 0.68 -45.05 -28.24
N LEU C 144 -0.56 -45.40 -28.57
CA LEU C 144 -0.94 -45.53 -29.98
C LEU C 144 -0.99 -44.19 -30.72
N ASN C 145 -0.81 -43.10 -29.98
CA ASN C 145 -0.84 -41.77 -30.57
C ASN C 145 0.56 -41.20 -30.84
N GLU C 146 1.59 -42.03 -30.70
CA GLU C 146 2.96 -41.55 -30.88
C GLU C 146 3.18 -40.89 -32.23
N ALA C 147 2.70 -41.51 -33.30
CA ALA C 147 2.82 -40.99 -34.65
C ALA C 147 4.25 -40.86 -35.14
N ILE C 148 5.05 -41.90 -34.93
CA ILE C 148 6.44 -41.88 -35.38
C ILE C 148 6.43 -41.85 -36.92
N PRO C 149 7.13 -40.87 -37.51
CA PRO C 149 7.18 -40.79 -38.97
C PRO C 149 7.51 -42.12 -39.62
N ASN C 150 6.69 -42.52 -40.59
CA ASN C 150 6.87 -43.77 -41.32
C ASN C 150 6.52 -45.04 -40.55
N ASP C 151 6.36 -44.93 -39.22
CA ASP C 151 5.99 -46.08 -38.40
C ASP C 151 4.58 -46.49 -38.82
N GLU C 152 4.38 -47.76 -39.12
CA GLU C 152 3.06 -48.22 -39.55
C GLU C 152 2.17 -48.75 -38.43
N ARG C 153 2.67 -48.69 -37.20
CA ARG C 153 1.87 -49.16 -36.07
C ARG C 153 0.69 -48.22 -35.86
N ASP C 154 -0.47 -48.80 -35.57
CA ASP C 154 -1.68 -48.03 -35.29
C ASP C 154 -2.08 -47.10 -36.43
N THR C 155 -1.93 -47.56 -37.66
CA THR C 155 -2.29 -46.74 -38.80
C THR C 155 -3.34 -47.37 -39.71
N THR C 156 -3.85 -46.58 -40.62
CA THR C 156 -4.84 -47.02 -41.60
C THR C 156 -4.55 -46.22 -42.87
N MET C 157 -5.32 -46.47 -43.92
CA MET C 157 -5.18 -45.73 -45.15
C MET C 157 -6.54 -45.09 -45.36
N PRO C 158 -6.59 -43.86 -45.88
CA PRO C 158 -7.87 -43.19 -46.10
C PRO C 158 -8.90 -44.08 -46.78
N ALA C 159 -8.48 -44.78 -47.84
CA ALA C 159 -9.37 -45.67 -48.58
C ALA C 159 -9.80 -46.89 -47.78
N ALA C 160 -8.85 -47.46 -47.03
CA ALA C 160 -9.14 -48.63 -46.22
C ALA C 160 -10.13 -48.30 -45.11
N MET C 161 -9.91 -47.17 -44.45
CA MET C 161 -10.76 -46.71 -43.36
C MET C 161 -12.16 -46.40 -43.86
N ALA C 162 -12.24 -45.76 -45.03
CA ALA C 162 -13.52 -45.39 -45.64
C ALA C 162 -14.34 -46.62 -45.99
N THR C 163 -13.68 -47.62 -46.56
CA THR C 163 -14.35 -48.87 -46.94
C THR C 163 -14.80 -49.63 -45.70
N THR C 164 -13.94 -49.64 -44.68
CA THR C 164 -14.26 -50.33 -43.44
C THR C 164 -15.43 -49.69 -42.71
N LEU C 165 -15.45 -48.36 -42.65
CA LEU C 165 -16.55 -47.66 -41.97
C LEU C 165 -17.86 -47.93 -42.68
N ARG C 166 -17.81 -48.06 -44.00
CA ARG C 166 -19.00 -48.32 -44.79
C ARG C 166 -19.60 -49.68 -44.43
N LYS C 167 -18.73 -50.70 -44.34
CA LYS C 167 -19.15 -52.05 -44.00
C LYS C 167 -19.68 -52.18 -42.58
N LEU C 168 -19.15 -51.37 -41.67
CA LEU C 168 -19.58 -51.40 -40.28
C LEU C 168 -20.91 -50.66 -40.11
N LEU C 169 -21.24 -49.81 -41.07
CA LEU C 169 -22.48 -49.03 -40.99
C LEU C 169 -23.62 -49.49 -41.91
N THR C 170 -23.31 -50.27 -42.93
CA THR C 170 -24.33 -50.72 -43.87
C THR C 170 -24.27 -52.19 -44.26
N GLY C 171 -23.10 -52.80 -44.09
CA GLY C 171 -22.96 -54.20 -44.44
C GLY C 171 -23.82 -55.13 -43.62
N GLU C 172 -23.63 -56.42 -43.84
CA GLU C 172 -24.37 -57.45 -43.11
C GLU C 172 -23.47 -57.88 -41.96
N LEU C 173 -22.27 -57.29 -41.90
CA LEU C 173 -21.29 -57.59 -40.86
C LEU C 173 -21.92 -57.49 -39.47
N LEU C 174 -22.68 -56.43 -39.25
CA LEU C 174 -23.34 -56.23 -37.98
C LEU C 174 -24.85 -56.27 -38.17
N THR C 175 -25.56 -56.66 -37.12
CA THR C 175 -27.01 -56.71 -37.18
C THR C 175 -27.50 -55.29 -37.33
N LEU C 176 -28.78 -55.15 -37.66
CA LEU C 176 -29.39 -53.85 -37.85
C LEU C 176 -29.28 -53.03 -36.56
N ALA C 177 -29.55 -53.66 -35.42
CA ALA C 177 -29.49 -52.98 -34.14
C ALA C 177 -28.09 -52.44 -33.83
N SER C 178 -27.06 -53.25 -34.10
CA SER C 178 -25.68 -52.83 -33.84
C SER C 178 -25.25 -51.71 -34.76
N ARG C 179 -25.73 -51.75 -35.99
CA ARG C 179 -25.40 -50.71 -36.97
C ARG C 179 -25.96 -49.39 -36.48
N GLN C 180 -27.21 -49.42 -36.02
CA GLN C 180 -27.87 -48.22 -35.53
C GLN C 180 -27.15 -47.65 -34.32
N GLN C 181 -26.84 -48.52 -33.37
CA GLN C 181 -26.13 -48.12 -32.16
C GLN C 181 -24.81 -47.43 -32.49
N LEU C 182 -24.02 -48.05 -33.36
CA LEU C 182 -22.72 -47.47 -33.73
C LEU C 182 -22.89 -46.08 -34.33
N ILE C 183 -23.76 -45.95 -35.32
CA ILE C 183 -23.96 -44.65 -35.94
C ILE C 183 -24.57 -43.68 -34.93
N ASP C 184 -25.38 -44.18 -34.00
CA ASP C 184 -25.99 -43.32 -32.99
C ASP C 184 -24.92 -42.73 -32.10
N TRP C 185 -23.97 -43.55 -31.68
CA TRP C 185 -22.89 -43.06 -30.83
C TRP C 185 -22.13 -41.98 -31.59
N MET C 186 -21.82 -42.27 -32.85
CA MET C 186 -21.09 -41.33 -33.70
C MET C 186 -21.85 -40.03 -33.92
N GLU C 187 -23.17 -40.09 -34.03
CA GLU C 187 -23.95 -38.87 -34.23
C GLU C 187 -23.88 -38.01 -32.98
N ALA C 188 -23.78 -38.67 -31.82
CA ALA C 188 -23.72 -37.98 -30.54
C ALA C 188 -22.33 -37.44 -30.20
N ASP C 189 -21.40 -37.52 -31.15
CA ASP C 189 -20.04 -37.03 -30.96
C ASP C 189 -20.07 -35.66 -30.28
N LYS C 190 -19.32 -35.50 -29.19
CA LYS C 190 -19.31 -34.23 -28.46
C LYS C 190 -18.05 -33.39 -28.66
N VAL C 191 -17.01 -33.98 -29.23
CA VAL C 191 -15.75 -33.26 -29.40
C VAL C 191 -15.26 -32.95 -30.81
N ALA C 192 -16.15 -33.01 -31.80
CA ALA C 192 -15.75 -32.73 -33.17
C ALA C 192 -16.38 -31.46 -33.74
N GLY C 193 -16.82 -30.57 -32.86
CA GLY C 193 -17.46 -29.35 -33.29
C GLY C 193 -16.62 -28.45 -34.20
N PRO C 194 -15.34 -28.24 -33.91
CA PRO C 194 -14.52 -27.37 -34.76
C PRO C 194 -14.08 -28.00 -36.08
N LEU C 195 -14.56 -29.21 -36.38
CA LEU C 195 -14.18 -29.89 -37.61
C LEU C 195 -15.28 -29.83 -38.69
N LEU C 196 -15.65 -30.99 -39.24
CA LEU C 196 -16.66 -31.03 -40.29
C LEU C 196 -18.00 -30.43 -39.85
N ARG C 197 -18.33 -30.59 -38.57
CA ARG C 197 -19.58 -30.08 -38.03
C ARG C 197 -19.73 -28.56 -38.13
N SER C 198 -18.61 -27.84 -38.06
CA SER C 198 -18.63 -26.38 -38.12
C SER C 198 -18.93 -25.88 -39.54
N ALA C 199 -19.12 -26.82 -40.46
CA ALA C 199 -19.40 -26.49 -41.84
C ALA C 199 -20.66 -27.17 -42.34
N LEU C 200 -21.26 -27.99 -41.49
CA LEU C 200 -22.47 -28.73 -41.87
C LEU C 200 -23.72 -27.85 -41.85
N PRO C 201 -24.41 -27.73 -42.99
CA PRO C 201 -25.63 -26.91 -43.11
C PRO C 201 -26.80 -27.51 -42.32
N ALA C 202 -27.72 -26.66 -41.87
CA ALA C 202 -28.87 -27.14 -41.11
C ALA C 202 -29.65 -28.16 -41.93
N GLY C 203 -30.16 -29.18 -41.24
CA GLY C 203 -30.92 -30.23 -41.91
C GLY C 203 -30.13 -31.46 -42.27
N TRP C 204 -28.82 -31.31 -42.44
CA TRP C 204 -27.94 -32.43 -42.78
C TRP C 204 -27.70 -33.34 -41.59
N PHE C 205 -27.31 -34.57 -41.88
CA PHE C 205 -27.01 -35.56 -40.87
C PHE C 205 -25.50 -35.83 -40.86
N ILE C 206 -24.94 -36.09 -39.69
CA ILE C 206 -23.52 -36.41 -39.59
C ILE C 206 -23.24 -37.22 -38.34
N ALA C 207 -22.51 -38.31 -38.53
CA ALA C 207 -22.09 -39.20 -37.45
C ALA C 207 -20.59 -39.22 -37.70
N ASP C 208 -19.81 -38.84 -36.70
CA ASP C 208 -18.37 -38.79 -36.91
C ASP C 208 -17.53 -39.14 -35.68
N LYS C 209 -16.23 -39.19 -35.89
CA LYS C 209 -15.28 -39.48 -34.82
C LYS C 209 -13.95 -38.81 -35.18
N SER C 210 -13.49 -37.93 -34.30
CA SER C 210 -12.25 -37.22 -34.53
C SER C 210 -11.10 -37.88 -33.79
N GLY C 211 -9.88 -37.40 -34.10
CA GLY C 211 -8.70 -37.92 -33.45
C GLY C 211 -7.61 -36.88 -33.46
N ALA C 212 -6.75 -36.91 -32.45
CA ALA C 212 -5.64 -35.99 -32.34
C ALA C 212 -4.50 -36.76 -31.68
N GLY C 213 -3.28 -36.58 -32.17
CA GLY C 213 -2.15 -37.29 -31.58
C GLY C 213 -0.90 -36.43 -31.58
N GLU C 214 0.27 -37.08 -31.49
CA GLU C 214 1.54 -36.35 -31.49
C GLU C 214 1.94 -35.97 -32.91
N ARG C 215 2.97 -35.14 -33.02
CA ARG C 215 3.47 -34.69 -34.32
C ARG C 215 2.37 -34.06 -35.16
N GLY C 216 1.53 -33.26 -34.53
CA GLY C 216 0.45 -32.61 -35.25
C GLY C 216 -0.58 -33.53 -35.90
N SER C 217 -0.67 -34.77 -35.42
CA SER C 217 -1.62 -35.71 -35.98
C SER C 217 -3.06 -35.28 -35.69
N ARG C 218 -3.88 -35.24 -36.74
CA ARG C 218 -5.27 -34.83 -36.60
C ARG C 218 -6.05 -35.59 -37.66
N GLY C 219 -7.32 -35.87 -37.39
CA GLY C 219 -8.11 -36.58 -38.38
C GLY C 219 -9.56 -36.72 -38.00
N ILE C 220 -10.35 -37.22 -38.93
CA ILE C 220 -11.77 -37.41 -38.68
C ILE C 220 -12.38 -38.34 -39.71
N ILE C 221 -13.32 -39.18 -39.26
CA ILE C 221 -14.02 -40.09 -40.15
C ILE C 221 -15.49 -39.77 -39.94
N ALA C 222 -16.27 -39.79 -41.02
CA ALA C 222 -17.67 -39.47 -40.87
C ALA C 222 -18.58 -39.99 -41.98
N ALA C 223 -19.85 -40.08 -41.65
CA ALA C 223 -20.89 -40.51 -42.56
C ALA C 223 -21.82 -39.31 -42.54
N LEU C 224 -22.05 -38.70 -43.68
CA LEU C 224 -22.92 -37.54 -43.72
C LEU C 224 -23.69 -37.44 -45.02
N GLY C 225 -24.69 -36.58 -45.03
CA GLY C 225 -25.51 -36.39 -46.21
C GLY C 225 -26.61 -35.41 -45.92
N PRO C 226 -27.27 -34.89 -46.96
CA PRO C 226 -28.36 -33.91 -46.77
C PRO C 226 -29.66 -34.58 -46.33
N ASP C 227 -30.62 -33.76 -45.96
CA ASP C 227 -31.94 -34.22 -45.54
C ASP C 227 -31.92 -35.28 -44.44
N GLY C 228 -31.19 -34.95 -43.37
CA GLY C 228 -31.09 -35.83 -42.21
C GLY C 228 -30.75 -37.30 -42.43
N LYS C 229 -30.04 -37.60 -43.52
CA LYS C 229 -29.67 -38.98 -43.81
C LYS C 229 -28.28 -39.02 -44.44
N PRO C 230 -27.43 -39.97 -43.99
CA PRO C 230 -26.07 -40.12 -44.52
C PRO C 230 -26.08 -40.78 -45.90
N SER C 231 -25.29 -40.25 -46.83
CA SER C 231 -25.22 -40.81 -48.17
C SER C 231 -23.77 -41.02 -48.63
N ARG C 232 -22.82 -40.43 -47.91
CA ARG C 232 -21.41 -40.59 -48.26
C ARG C 232 -20.52 -40.66 -47.02
N ILE C 233 -19.34 -41.21 -47.20
CA ILE C 233 -18.37 -41.33 -46.12
C ILE C 233 -17.19 -40.44 -46.45
N VAL C 234 -16.75 -39.67 -45.46
CA VAL C 234 -15.61 -38.78 -45.63
C VAL C 234 -14.54 -39.12 -44.60
N VAL C 235 -13.31 -39.24 -45.07
CA VAL C 235 -12.18 -39.55 -44.19
C VAL C 235 -11.06 -38.56 -44.46
N ILE C 236 -10.58 -37.91 -43.42
CA ILE C 236 -9.50 -36.94 -43.54
C ILE C 236 -8.47 -37.14 -42.44
N TYR C 237 -7.21 -37.27 -42.84
CA TYR C 237 -6.12 -37.44 -41.89
C TYR C 237 -4.95 -36.55 -42.28
N THR C 238 -4.16 -36.18 -41.27
CA THR C 238 -2.96 -35.38 -41.49
C THR C 238 -2.01 -35.67 -40.35
N THR C 239 -0.72 -35.68 -40.64
CA THR C 239 0.26 -35.93 -39.60
C THR C 239 1.59 -35.31 -39.99
N GLY C 240 2.33 -34.85 -38.99
CA GLY C 240 3.63 -34.25 -39.23
C GLY C 240 3.67 -32.74 -39.13
N SER C 241 2.49 -32.11 -39.11
CA SER C 241 2.42 -30.65 -39.05
C SER C 241 2.83 -30.09 -37.69
N GLN C 242 3.44 -28.89 -37.74
CA GLN C 242 3.88 -28.21 -36.53
C GLN C 242 2.93 -27.04 -36.29
N ALA C 243 1.91 -26.94 -37.13
CA ALA C 243 0.92 -25.88 -37.03
C ALA C 243 0.04 -26.09 -35.79
N THR C 244 -0.55 -25.00 -35.30
CA THR C 244 -1.40 -25.08 -34.12
C THR C 244 -2.62 -25.96 -34.36
N MET C 245 -3.37 -26.23 -33.29
CA MET C 245 -4.57 -27.05 -33.38
C MET C 245 -5.65 -26.29 -34.13
N ASP C 246 -5.73 -24.99 -33.88
CA ASP C 246 -6.73 -24.15 -34.54
C ASP C 246 -6.56 -24.21 -36.05
N GLU C 247 -5.31 -24.13 -36.51
CA GLU C 247 -5.05 -24.17 -37.95
C GLU C 247 -5.45 -25.52 -38.51
N ARG C 248 -5.07 -26.58 -37.82
CA ARG C 248 -5.39 -27.93 -38.26
C ARG C 248 -6.91 -28.10 -38.32
N ASN C 249 -7.60 -27.64 -37.29
CA ASN C 249 -9.06 -27.75 -37.27
C ASN C 249 -9.62 -26.97 -38.47
N ARG C 250 -9.19 -25.71 -38.60
CA ARG C 250 -9.65 -24.87 -39.69
C ARG C 250 -9.52 -25.55 -41.05
N GLN C 251 -8.34 -26.11 -41.33
CA GLN C 251 -8.12 -26.77 -42.62
C GLN C 251 -9.10 -27.92 -42.86
N ILE C 252 -9.39 -28.70 -41.82
CA ILE C 252 -10.33 -29.80 -41.95
C ILE C 252 -11.73 -29.25 -42.18
N ALA C 253 -12.07 -28.16 -41.50
CA ALA C 253 -13.37 -27.54 -41.65
C ALA C 253 -13.54 -26.97 -43.07
N GLU C 254 -12.48 -26.36 -43.60
CA GLU C 254 -12.52 -25.79 -44.94
C GLU C 254 -12.73 -26.87 -45.99
N ILE C 255 -12.14 -28.04 -45.77
CA ILE C 255 -12.29 -29.15 -46.71
C ILE C 255 -13.75 -29.60 -46.64
N GLY C 256 -14.31 -29.55 -45.43
CA GLY C 256 -15.70 -29.94 -45.25
C GLY C 256 -16.60 -28.94 -45.94
N ALA C 257 -16.29 -27.65 -45.77
CA ALA C 257 -17.10 -26.61 -46.39
C ALA C 257 -17.09 -26.75 -47.91
N SER C 258 -16.00 -27.30 -48.45
CA SER C 258 -15.87 -27.47 -49.90
C SER C 258 -16.67 -28.64 -50.46
N LEU C 259 -16.48 -29.84 -49.92
CA LEU C 259 -17.19 -31.00 -50.43
C LEU C 259 -18.70 -30.90 -50.21
N ILE C 260 -19.12 -30.00 -49.31
CA ILE C 260 -20.54 -29.80 -49.05
C ILE C 260 -21.12 -28.95 -50.17
N LYS C 261 -20.43 -27.86 -50.50
CA LYS C 261 -20.86 -26.97 -51.56
C LYS C 261 -20.97 -27.73 -52.88
N HIS C 262 -19.89 -28.41 -53.25
CA HIS C 262 -19.86 -29.16 -54.50
C HIS C 262 -20.45 -30.55 -54.36
N TRP C 263 -21.45 -30.68 -53.49
CA TRP C 263 -22.11 -31.96 -53.27
C TRP C 263 -23.12 -32.22 -54.38
N ALA D 1 -16.81 -15.26 -17.54
CA ALA D 1 -15.49 -15.01 -16.97
C ALA D 1 -14.51 -16.08 -17.44
N GLY D 2 -14.41 -16.25 -18.75
CA GLY D 2 -13.50 -17.24 -19.30
C GLY D 2 -13.97 -18.66 -19.05
N VAL D 3 -13.24 -19.64 -19.57
CA VAL D 3 -13.59 -21.04 -19.38
C VAL D 3 -13.07 -21.53 -18.02
N MET D 4 -13.21 -22.82 -17.76
CA MET D 4 -12.75 -23.40 -16.50
C MET D 4 -11.23 -23.23 -16.41
N THR D 5 -10.73 -22.91 -15.22
CA THR D 5 -9.31 -22.72 -15.02
C THR D 5 -8.82 -23.33 -13.72
N GLY D 6 -7.50 -23.44 -13.57
CA GLY D 6 -6.95 -23.99 -12.34
C GLY D 6 -7.26 -23.10 -11.15
N ALA D 7 -7.34 -21.79 -11.41
CA ALA D 7 -7.64 -20.84 -10.35
C ALA D 7 -9.04 -21.09 -9.82
N LYS D 8 -9.98 -21.34 -10.74
CA LYS D 8 -11.35 -21.63 -10.35
C LYS D 8 -11.40 -22.97 -9.64
N PHE D 9 -10.61 -23.92 -10.13
CA PHE D 9 -10.57 -25.25 -9.52
C PHE D 9 -10.14 -25.14 -8.05
N THR D 10 -9.08 -24.39 -7.82
CA THR D 10 -8.56 -24.19 -6.48
C THR D 10 -9.49 -23.37 -5.60
N GLN D 11 -10.25 -22.45 -6.19
CA GLN D 11 -11.17 -21.64 -5.40
C GLN D 11 -12.33 -22.51 -4.87
N ILE D 12 -12.77 -23.45 -5.70
CA ILE D 12 -13.85 -24.34 -5.31
C ILE D 12 -13.37 -25.20 -4.14
N GLN D 13 -14.23 -25.34 -3.14
CA GLN D 13 -13.92 -26.08 -1.92
C GLN D 13 -14.86 -27.25 -1.68
N PHE D 14 -14.35 -28.30 -1.02
CA PHE D 14 -15.21 -29.41 -0.69
C PHE D 14 -16.28 -28.83 0.22
N GLY D 15 -17.49 -29.36 0.16
CA GLY D 15 -18.55 -28.84 1.02
C GLY D 15 -19.41 -27.77 0.34
N MET D 16 -18.94 -27.24 -0.78
CA MET D 16 -19.70 -26.22 -1.50
C MET D 16 -20.91 -26.85 -2.18
N THR D 17 -21.90 -26.00 -2.47
CA THR D 17 -23.13 -26.44 -3.13
C THR D 17 -22.96 -26.38 -4.65
N ARG D 18 -23.95 -26.91 -5.36
CA ARG D 18 -23.92 -26.91 -6.82
C ARG D 18 -23.89 -25.48 -7.33
N GLN D 19 -24.68 -24.61 -6.70
CA GLN D 19 -24.76 -23.22 -7.12
C GLN D 19 -23.44 -22.49 -6.93
N GLN D 20 -22.72 -22.80 -5.85
CA GLN D 20 -21.44 -22.16 -5.58
C GLN D 20 -20.43 -22.59 -6.65
N VAL D 21 -20.51 -23.86 -7.02
CA VAL D 21 -19.61 -24.40 -8.04
C VAL D 21 -19.88 -23.72 -9.37
N LEU D 22 -21.15 -23.68 -9.76
CA LEU D 22 -21.53 -23.06 -11.02
C LEU D 22 -21.11 -21.59 -11.08
N ASP D 23 -21.33 -20.86 -9.99
CA ASP D 23 -20.97 -19.44 -9.95
C ASP D 23 -19.47 -19.20 -10.10
N ILE D 24 -18.67 -20.08 -9.51
CA ILE D 24 -17.22 -19.92 -9.59
C ILE D 24 -16.63 -20.32 -10.94
N ALA D 25 -17.07 -21.46 -11.45
CA ALA D 25 -16.56 -21.96 -12.72
C ALA D 25 -17.14 -21.25 -13.95
N GLY D 26 -18.40 -20.85 -13.84
CA GLY D 26 -19.07 -20.21 -14.96
C GLY D 26 -19.99 -21.27 -15.52
N ALA D 27 -21.28 -21.14 -15.26
CA ALA D 27 -22.27 -22.12 -15.71
C ALA D 27 -22.17 -22.54 -17.17
N GLU D 28 -21.84 -21.61 -18.06
CA GLU D 28 -21.75 -21.93 -19.48
C GLU D 28 -20.63 -22.91 -19.79
N ASN D 29 -19.74 -23.14 -18.82
CA ASN D 29 -18.61 -24.05 -18.99
C ASN D 29 -18.91 -25.43 -18.44
N CYS D 30 -20.04 -25.57 -17.74
CA CYS D 30 -20.37 -26.83 -17.10
C CYS D 30 -21.61 -27.57 -17.56
N GLU D 31 -21.72 -28.81 -17.09
CA GLU D 31 -22.83 -29.68 -17.41
C GLU D 31 -23.00 -30.70 -16.30
N THR D 32 -24.20 -31.24 -16.20
CA THR D 32 -24.51 -32.27 -15.21
C THR D 32 -25.39 -33.28 -15.91
N GLY D 33 -25.63 -34.42 -15.25
CA GLY D 33 -26.44 -35.44 -15.89
C GLY D 33 -25.69 -36.03 -17.06
N GLY D 34 -26.41 -36.70 -17.97
CA GLY D 34 -25.77 -37.30 -19.12
C GLY D 34 -24.72 -38.29 -18.69
N SER D 35 -23.55 -38.21 -19.31
CA SER D 35 -22.45 -39.11 -18.98
C SER D 35 -21.85 -38.84 -17.60
N PHE D 36 -22.19 -37.71 -17.00
CA PHE D 36 -21.64 -37.36 -15.69
C PHE D 36 -22.55 -37.51 -14.49
N GLY D 37 -23.71 -38.15 -14.67
CA GLY D 37 -24.63 -38.35 -13.55
C GLY D 37 -24.96 -37.10 -12.78
N ASP D 38 -24.80 -37.14 -11.46
CA ASP D 38 -25.11 -35.97 -10.64
C ASP D 38 -23.90 -35.11 -10.31
N SER D 39 -22.80 -35.32 -11.05
CA SER D 39 -21.59 -34.54 -10.85
C SER D 39 -21.68 -33.34 -11.78
N ILE D 40 -20.81 -32.35 -11.58
CA ILE D 40 -20.76 -31.17 -12.42
C ILE D 40 -19.41 -31.16 -13.12
N HIS D 41 -19.45 -31.24 -14.45
CA HIS D 41 -18.24 -31.28 -15.29
C HIS D 41 -18.08 -29.94 -16.00
N CYS D 42 -16.93 -29.29 -15.80
CA CYS D 42 -16.67 -28.00 -16.43
C CYS D 42 -15.46 -28.03 -17.35
N ARG D 43 -15.64 -27.50 -18.56
CA ARG D 43 -14.58 -27.49 -19.57
C ARG D 43 -13.68 -26.27 -19.57
N GLY D 44 -12.38 -26.53 -19.71
CA GLY D 44 -11.40 -25.45 -19.79
C GLY D 44 -11.15 -25.27 -21.29
N HIS D 45 -9.93 -24.91 -21.68
CA HIS D 45 -9.65 -24.74 -23.09
C HIS D 45 -9.53 -26.10 -23.77
N ALA D 46 -9.61 -26.12 -25.10
CA ALA D 46 -9.49 -27.36 -25.84
C ALA D 46 -8.08 -27.92 -25.64
N ALA D 47 -7.96 -29.24 -25.64
CA ALA D 47 -6.67 -29.90 -25.46
C ALA D 47 -6.80 -31.34 -25.95
N GLY D 48 -5.87 -31.75 -26.81
CA GLY D 48 -5.91 -33.10 -27.34
C GLY D 48 -7.15 -33.27 -28.19
N ASP D 49 -7.98 -34.25 -27.86
CA ASP D 49 -9.21 -34.48 -28.62
C ASP D 49 -10.40 -34.16 -27.73
N TYR D 50 -10.14 -33.40 -26.67
CA TYR D 50 -11.18 -33.00 -25.74
C TYR D 50 -10.85 -31.61 -25.19
N TYR D 51 -10.78 -31.49 -23.86
CA TYR D 51 -10.47 -30.21 -23.23
C TYR D 51 -9.85 -30.44 -21.87
N ALA D 52 -9.24 -29.39 -21.34
CA ALA D 52 -8.70 -29.45 -19.99
C ALA D 52 -10.05 -29.43 -19.26
N TYR D 53 -10.14 -30.00 -18.06
CA TYR D 53 -11.43 -30.01 -17.38
C TYR D 53 -11.35 -30.24 -15.89
N ALA D 54 -12.49 -30.05 -15.25
CA ALA D 54 -12.64 -30.30 -13.83
C ALA D 54 -13.97 -31.03 -13.69
N THR D 55 -14.05 -31.93 -12.72
CA THR D 55 -15.28 -32.64 -12.45
C THR D 55 -15.50 -32.62 -10.95
N PHE D 56 -16.67 -32.15 -10.55
CA PHE D 56 -17.00 -32.06 -9.13
C PHE D 56 -18.11 -33.04 -8.78
N GLY D 57 -17.79 -33.97 -7.89
CA GLY D 57 -18.74 -34.97 -7.45
C GLY D 57 -19.49 -34.46 -6.23
N PHE D 58 -20.74 -34.87 -6.09
CA PHE D 58 -21.58 -34.43 -4.97
C PHE D 58 -22.07 -35.57 -4.10
N THR D 59 -22.42 -35.23 -2.86
CA THR D 59 -22.90 -36.20 -1.89
C THR D 59 -24.18 -36.93 -2.33
N SER D 60 -24.96 -36.30 -3.19
CA SER D 60 -26.18 -36.90 -3.71
C SER D 60 -26.69 -36.11 -4.91
N ALA D 61 -27.83 -36.52 -5.45
CA ALA D 61 -28.41 -35.84 -6.59
C ALA D 61 -29.20 -34.62 -6.15
N ALA D 62 -29.51 -34.54 -4.86
CA ALA D 62 -30.27 -33.41 -4.32
C ALA D 62 -29.65 -32.08 -4.70
N ALA D 63 -30.48 -31.05 -4.79
CA ALA D 63 -30.02 -29.73 -5.15
C ALA D 63 -29.17 -29.10 -4.06
N ASP D 64 -29.31 -29.62 -2.84
CA ASP D 64 -28.55 -29.08 -1.71
C ASP D 64 -27.34 -29.95 -1.36
N ALA D 65 -26.98 -30.84 -2.28
CA ALA D 65 -25.85 -31.74 -2.08
C ALA D 65 -24.55 -30.93 -2.00
N LYS D 66 -23.52 -31.52 -1.39
CA LYS D 66 -22.24 -30.84 -1.24
C LYS D 66 -21.13 -31.55 -2.01
N VAL D 67 -20.12 -30.77 -2.39
CA VAL D 67 -18.98 -31.32 -3.12
C VAL D 67 -18.19 -32.28 -2.24
N ASP D 68 -18.07 -33.52 -2.68
CA ASP D 68 -17.29 -34.49 -1.90
C ASP D 68 -16.12 -35.03 -2.72
N SER D 69 -15.95 -34.53 -3.94
CA SER D 69 -14.84 -34.97 -4.78
C SER D 69 -14.49 -33.91 -5.81
N LYS D 70 -13.19 -33.77 -6.07
CA LYS D 70 -12.68 -32.80 -7.03
C LYS D 70 -11.67 -33.50 -7.92
N SER D 71 -11.86 -33.40 -9.23
CA SER D 71 -10.95 -34.01 -10.17
C SER D 71 -10.63 -33.03 -11.29
N GLN D 72 -9.44 -33.15 -11.87
CA GLN D 72 -9.05 -32.28 -12.96
C GLN D 72 -7.90 -32.84 -13.79
N GLU D 73 -7.82 -32.36 -15.02
CA GLU D 73 -6.76 -32.73 -15.94
C GLU D 73 -6.44 -31.47 -16.76
N ALA D 74 -5.16 -31.13 -16.85
CA ALA D 74 -4.70 -29.97 -17.60
C ALA D 74 -5.14 -28.59 -17.12
N LEU D 75 -5.55 -28.49 -15.86
CA LEU D 75 -5.96 -27.20 -15.29
C LEU D 75 -4.88 -26.73 -14.33
N LEU D 76 -4.22 -27.69 -13.69
CA LEU D 76 -3.16 -27.40 -12.74
C LEU D 76 -1.81 -27.78 -13.32
N ALA D 77 -0.81 -26.93 -13.12
CA ALA D 77 0.52 -27.22 -13.63
C ALA D 77 1.46 -27.52 -12.47
N PRO D 78 2.36 -28.50 -12.64
CA PRO D 78 3.30 -28.81 -11.54
C PRO D 78 4.27 -27.66 -11.42
N SER D 79 4.43 -27.15 -10.20
CA SER D 79 5.32 -26.02 -9.95
C SER D 79 6.79 -26.29 -10.27
N ALA D 80 7.24 -27.52 -10.06
CA ALA D 80 8.63 -27.86 -10.33
C ALA D 80 8.79 -29.34 -10.65
N PRO D 81 8.39 -29.76 -11.87
CA PRO D 81 8.48 -31.15 -12.30
C PRO D 81 9.90 -31.70 -12.43
N THR D 82 10.26 -32.62 -11.55
CA THR D 82 11.58 -33.23 -11.55
C THR D 82 11.52 -34.75 -11.55
N LEU D 83 10.33 -35.30 -11.79
CA LEU D 83 10.18 -36.74 -11.81
C LEU D 83 11.01 -37.37 -12.93
N THR D 84 11.48 -38.59 -12.68
CA THR D 84 12.26 -39.34 -13.66
C THR D 84 11.94 -40.81 -13.45
N LEU D 85 12.31 -41.66 -14.39
CA LEU D 85 12.04 -43.09 -14.26
C LEU D 85 12.70 -43.62 -12.98
N ALA D 86 13.92 -43.18 -12.71
CA ALA D 86 14.65 -43.61 -11.53
C ALA D 86 13.87 -43.31 -10.25
N LYS D 87 13.45 -42.05 -10.11
CA LYS D 87 12.69 -41.64 -8.92
C LYS D 87 11.39 -42.43 -8.80
N PHE D 88 10.71 -42.64 -9.93
CA PHE D 88 9.47 -43.39 -9.91
C PHE D 88 9.72 -44.78 -9.33
N ASN D 89 10.80 -45.42 -9.81
CA ASN D 89 11.16 -46.74 -9.34
C ASN D 89 11.45 -46.77 -7.85
N GLN D 90 11.90 -45.64 -7.31
CA GLN D 90 12.23 -45.55 -5.89
C GLN D 90 10.98 -45.42 -5.02
N VAL D 91 9.85 -45.09 -5.63
CA VAL D 91 8.59 -44.96 -4.89
C VAL D 91 8.10 -46.35 -4.50
N THR D 92 7.65 -46.52 -3.26
CA THR D 92 7.17 -47.83 -2.84
C THR D 92 5.79 -47.80 -2.19
N VAL D 93 4.98 -48.80 -2.51
CA VAL D 93 3.64 -48.91 -1.95
C VAL D 93 3.78 -48.96 -0.44
N GLY D 94 2.97 -48.18 0.27
CA GLY D 94 3.05 -48.14 1.71
C GLY D 94 3.61 -46.83 2.21
N MET D 95 4.19 -46.05 1.31
CA MET D 95 4.74 -44.75 1.68
C MET D 95 3.62 -43.75 1.93
N THR D 96 3.89 -42.79 2.80
CA THR D 96 2.91 -41.74 3.08
C THR D 96 3.04 -40.74 1.93
N ARG D 97 2.13 -39.78 1.87
CA ARG D 97 2.18 -38.76 0.84
C ARG D 97 3.51 -38.00 0.96
N ALA D 98 3.93 -37.73 2.19
CA ALA D 98 5.17 -37.01 2.44
C ALA D 98 6.39 -37.76 1.89
N GLN D 99 6.49 -39.05 2.20
CA GLN D 99 7.58 -39.87 1.70
C GLN D 99 7.59 -39.88 0.17
N VAL D 100 6.40 -39.99 -0.42
CA VAL D 100 6.29 -40.02 -1.87
C VAL D 100 6.82 -38.75 -2.52
N LEU D 101 6.42 -37.59 -1.98
CA LEU D 101 6.87 -36.32 -2.53
C LEU D 101 8.37 -36.13 -2.36
N ALA D 102 8.92 -36.61 -1.24
CA ALA D 102 10.35 -36.47 -1.00
C ALA D 102 11.09 -37.30 -2.06
N THR D 103 10.41 -38.33 -2.56
CA THR D 103 11.00 -39.22 -3.56
C THR D 103 10.86 -38.71 -4.99
N VAL D 104 9.68 -38.20 -5.35
CA VAL D 104 9.45 -37.73 -6.71
C VAL D 104 9.68 -36.24 -6.96
N GLY D 105 9.85 -35.47 -5.89
CA GLY D 105 10.05 -34.04 -6.04
C GLY D 105 8.86 -33.30 -5.46
N GLN D 106 9.12 -32.29 -4.64
CA GLN D 106 8.06 -31.53 -4.00
C GLN D 106 7.14 -30.79 -4.98
N GLY D 107 7.61 -30.55 -6.21
CA GLY D 107 6.78 -29.84 -7.17
C GLY D 107 6.54 -30.59 -8.46
N SER D 108 6.64 -31.92 -8.40
CA SER D 108 6.45 -32.73 -9.59
C SER D 108 5.00 -33.19 -9.78
N CYS D 109 4.16 -33.02 -8.77
CA CYS D 109 2.78 -33.49 -8.85
C CYS D 109 1.68 -32.45 -8.71
N THR D 110 0.50 -32.83 -9.22
CA THR D 110 -0.72 -32.03 -9.15
C THR D 110 -1.79 -33.03 -8.72
N THR D 111 -2.90 -32.55 -8.18
CA THR D 111 -3.95 -33.46 -7.74
C THR D 111 -4.93 -33.81 -8.85
N TRP D 112 -4.92 -35.07 -9.26
CA TRP D 112 -5.80 -35.56 -10.32
C TRP D 112 -7.20 -35.77 -9.76
N SER D 113 -7.27 -36.40 -8.60
CA SER D 113 -8.56 -36.68 -7.98
C SER D 113 -8.44 -36.78 -6.47
N GLU D 114 -9.44 -36.25 -5.77
CA GLU D 114 -9.48 -36.28 -4.31
C GLU D 114 -10.95 -36.48 -3.95
N TYR D 115 -11.24 -37.57 -3.26
CA TYR D 115 -12.62 -37.92 -2.91
C TYR D 115 -12.80 -38.39 -1.47
N TYR D 116 -13.86 -37.93 -0.82
CA TYR D 116 -14.17 -38.32 0.54
C TYR D 116 -15.45 -39.14 0.56
N PRO D 117 -15.32 -40.47 0.45
CA PRO D 117 -16.47 -41.39 0.44
C PRO D 117 -17.38 -41.33 1.67
N ALA D 118 -16.86 -40.87 2.79
CA ALA D 118 -17.67 -40.78 4.00
C ALA D 118 -17.95 -39.34 4.43
N TYR D 119 -17.81 -38.39 3.51
CA TYR D 119 -18.05 -36.98 3.83
C TYR D 119 -19.34 -36.84 4.62
N PRO D 120 -19.35 -36.00 5.67
CA PRO D 120 -18.31 -35.12 6.21
C PRO D 120 -17.04 -35.75 6.78
N SER D 121 -17.06 -37.05 7.06
CA SER D 121 -15.88 -37.72 7.60
C SER D 121 -14.80 -37.82 6.53
N THR D 122 -13.54 -37.69 6.94
CA THR D 122 -12.42 -37.77 6.00
C THR D 122 -11.84 -39.18 5.96
N ALA D 123 -12.45 -40.10 6.70
CA ALA D 123 -11.98 -41.48 6.72
C ALA D 123 -12.19 -42.11 5.34
N GLY D 124 -11.18 -42.83 4.87
CA GLY D 124 -11.27 -43.48 3.57
C GLY D 124 -10.96 -42.57 2.39
N VAL D 125 -10.54 -41.33 2.66
CA VAL D 125 -10.22 -40.40 1.58
C VAL D 125 -9.31 -41.03 0.54
N THR D 126 -9.64 -40.85 -0.73
CA THR D 126 -8.80 -41.37 -1.80
C THR D 126 -8.20 -40.20 -2.55
N LEU D 127 -6.90 -40.30 -2.85
CA LEU D 127 -6.22 -39.23 -3.56
C LEU D 127 -5.37 -39.78 -4.68
N SER D 128 -5.54 -39.20 -5.86
CA SER D 128 -4.79 -39.57 -7.04
C SER D 128 -3.95 -38.38 -7.46
N LEU D 129 -2.66 -38.61 -7.61
CA LEU D 129 -1.76 -37.57 -8.04
C LEU D 129 -1.32 -37.86 -9.46
N SER D 130 -1.13 -36.81 -10.24
CA SER D 130 -0.63 -36.92 -11.60
C SER D 130 0.69 -36.17 -11.48
N CYS D 131 1.81 -36.86 -11.72
CA CYS D 131 3.13 -36.24 -11.61
C CYS D 131 3.83 -36.30 -12.96
N PHE D 132 4.71 -35.32 -13.21
CA PHE D 132 5.38 -35.26 -14.50
C PHE D 132 6.89 -34.99 -14.45
N ASP D 133 7.60 -35.37 -15.51
CA ASP D 133 9.02 -35.09 -15.58
C ASP D 133 9.16 -33.68 -16.15
N VAL D 134 10.40 -33.24 -16.34
CA VAL D 134 10.71 -31.92 -16.85
C VAL D 134 9.75 -31.35 -17.90
N ASP D 135 9.42 -32.15 -18.91
CA ASP D 135 8.53 -31.69 -19.98
C ASP D 135 7.31 -32.59 -20.15
N GLY D 136 6.97 -33.31 -19.09
CA GLY D 136 5.83 -34.21 -19.16
C GLY D 136 4.47 -33.55 -19.26
N TYR D 137 4.30 -32.42 -18.58
CA TYR D 137 3.04 -31.71 -18.57
C TYR D 137 2.70 -30.97 -19.87
N SER D 138 1.43 -31.05 -20.26
CA SER D 138 0.93 -30.40 -21.46
C SER D 138 -0.50 -29.95 -21.22
N SER D 139 -0.72 -28.65 -21.21
CA SER D 139 -2.05 -28.10 -20.97
C SER D 139 -2.91 -28.07 -22.22
N THR D 140 -2.30 -28.30 -23.39
CA THR D 140 -3.05 -28.27 -24.64
C THR D 140 -2.87 -29.52 -25.50
N GLY D 141 -1.92 -30.37 -25.13
CA GLY D 141 -1.68 -31.59 -25.90
C GLY D 141 -1.97 -32.84 -25.10
N ALA D 142 -0.95 -33.66 -24.92
CA ALA D 142 -1.07 -34.91 -24.17
C ALA D 142 0.15 -35.13 -23.28
N ALA D 143 -0.07 -35.75 -22.12
CA ALA D 143 1.00 -36.01 -21.17
C ALA D 143 2.12 -36.84 -21.81
N ARG D 144 3.36 -36.46 -21.54
CA ARG D 144 4.53 -37.14 -22.08
C ARG D 144 5.53 -37.35 -20.95
N GLY D 145 5.58 -38.55 -20.39
CA GLY D 145 6.49 -38.79 -19.29
C GLY D 145 5.82 -38.29 -18.03
N SER D 146 4.93 -39.12 -17.50
CA SER D 146 4.19 -38.78 -16.29
C SER D 146 3.90 -40.03 -15.50
N ALA D 147 3.21 -39.87 -14.38
CA ALA D 147 2.87 -41.01 -13.54
C ALA D 147 1.62 -40.77 -12.73
N HIS D 148 0.96 -41.87 -12.37
CA HIS D 148 -0.25 -41.84 -11.58
C HIS D 148 0.05 -42.53 -10.24
N LEU D 149 -0.10 -41.79 -9.16
CA LEU D 149 0.16 -42.32 -7.82
C LEU D 149 -1.14 -42.19 -7.04
N TRP D 150 -1.68 -43.30 -6.54
CA TRP D 150 -2.92 -43.24 -5.79
C TRP D 150 -2.82 -43.69 -4.34
N PHE D 151 -3.51 -42.96 -3.47
CA PHE D 151 -3.51 -43.20 -2.03
C PHE D 151 -4.90 -43.41 -1.46
N THR D 152 -4.95 -44.00 -0.28
CA THR D 152 -6.18 -44.19 0.48
C THR D 152 -5.74 -43.88 1.91
N ASP D 153 -6.42 -42.96 2.57
CA ASP D 153 -6.07 -42.57 3.93
C ASP D 153 -4.61 -42.13 4.04
N GLY D 154 -4.15 -41.40 3.02
CA GLY D 154 -2.80 -40.89 3.00
C GLY D 154 -1.66 -41.88 2.78
N VAL D 155 -1.97 -43.11 2.42
CA VAL D 155 -0.94 -44.12 2.19
C VAL D 155 -0.98 -44.66 0.76
N LEU D 156 0.17 -44.62 0.09
CA LEU D 156 0.25 -45.08 -1.30
C LEU D 156 -0.21 -46.52 -1.49
N GLN D 157 -1.16 -46.71 -2.40
CA GLN D 157 -1.70 -48.04 -2.68
C GLN D 157 -1.16 -48.59 -4.01
N GLY D 158 -0.73 -47.70 -4.89
CA GLY D 158 -0.20 -48.14 -6.17
C GLY D 158 0.38 -47.02 -6.99
N LYS D 159 1.04 -47.37 -8.08
CA LYS D 159 1.68 -46.41 -8.96
C LYS D 159 1.77 -46.96 -10.39
N ARG D 160 1.83 -46.05 -11.36
CA ARG D 160 1.95 -46.42 -12.76
C ARG D 160 2.61 -45.23 -13.48
N GLN D 161 3.44 -45.52 -14.49
CA GLN D 161 4.10 -44.45 -15.22
C GLN D 161 4.06 -44.67 -16.73
N TRP D 162 4.21 -43.57 -17.46
CA TRP D 162 4.20 -43.61 -18.91
C TRP D 162 5.32 -42.78 -19.49
N ASP D 163 6.16 -43.42 -20.30
CA ASP D 163 7.27 -42.76 -20.99
C ASP D 163 8.32 -42.05 -20.15
N LEU D 164 8.59 -42.54 -18.95
CA LEU D 164 9.60 -41.93 -18.11
C LEU D 164 10.97 -42.43 -18.54
N VAL D 165 11.98 -41.57 -18.42
CA VAL D 165 13.35 -41.94 -18.79
C VAL D 165 14.29 -41.83 -17.58
CA CA E . 27.81 37.46 37.80
CA CA F . 9.52 -36.55 -21.53
#